data_7FSR
#
_entry.id   7FSR
#
_cell.length_a   80.965
_cell.length_b   49.493
_cell.length_c   114.060
_cell.angle_alpha   90.000
_cell.angle_beta   95.370
_cell.angle_gamma   90.000
#
_symmetry.space_group_name_H-M   'P 1 21 1'
#
loop_
_entity.id
_entity.type
_entity.pdbx_description
1 polymer Syntenin-1
2 non-polymer 1,2-ETHANEDIOL
3 non-polymer 'D-GLUTAMIC ACID'
4 non-polymer GLYCINE
5 non-polymer N-[(3S)-3-methyl-1,1-dioxo-1lambda~6~-thiolan-3-yl]cyclopropanecarboxamide
6 non-polymer 'SULFATE ION'
7 non-polymer ALANINE
8 water water
#
_entity_poly.entity_id   1
_entity_poly.type   'polypeptide(L)'
_entity_poly.pdbx_seq_one_letter_code
;SMAEIKQGIREVILCKDQDGKIGLRLKSIDNGIFVQLVQANSPASLVGLRFGDQVLQINGENCAGWSSDKAHKVLKQAFG
EKITMTIRDRPFERTITMHKDSTGHVGFIFKNGKITSIVKDSSAARNGLLTEHNICEINGQNVIGLKDSQIADILSTSGT
VVTITIMPAFIFEHIIKRMAPSIMKSLMDHTIPEV
;
_entity_poly.pdbx_strand_id   A,B,C,D
#
# COMPACT_ATOMS: atom_id res chain seq x y z
N ILE A 5 1.23 27.47 0.44
CA ILE A 5 2.02 26.43 1.17
C ILE A 5 3.46 26.94 1.35
N LYS A 6 4.02 26.74 2.55
CA LYS A 6 5.44 27.01 2.89
C LYS A 6 6.34 26.04 2.11
N GLN A 7 7.66 26.24 2.17
CA GLN A 7 8.67 25.55 1.31
C GLN A 7 9.56 24.64 2.18
N GLY A 8 9.36 24.67 3.49
CA GLY A 8 10.32 24.10 4.46
C GLY A 8 9.76 22.97 5.29
N ILE A 9 10.68 22.12 5.76
CA ILE A 9 10.48 21.11 6.84
C ILE A 9 10.58 21.85 8.18
N ARG A 10 9.62 21.66 9.08
CA ARG A 10 9.59 22.33 10.41
C ARG A 10 9.48 21.26 11.51
N GLU A 11 10.11 21.51 12.66
CA GLU A 11 9.97 20.64 13.84
C GLU A 11 8.77 21.20 14.61
N VAL A 12 7.91 20.33 15.09
CA VAL A 12 6.87 20.70 16.09
C VAL A 12 7.00 19.72 17.27
N ILE A 13 6.78 20.23 18.48
CA ILE A 13 6.91 19.43 19.73
C ILE A 13 5.55 19.48 20.42
N LEU A 14 5.02 18.32 20.80
CA LEU A 14 3.59 18.13 21.18
C LEU A 14 3.51 17.60 22.60
N CYS A 15 2.37 17.87 23.26
CA CYS A 15 1.99 17.43 24.63
C CYS A 15 0.57 16.90 24.67
N LYS A 16 0.41 15.56 24.67
CA LYS A 16 -0.84 14.82 24.97
C LYS A 16 -1.61 15.52 26.08
N ASP A 17 -2.88 15.85 25.82
CA ASP A 17 -3.77 16.58 26.78
C ASP A 17 -4.09 15.62 27.94
N GLN A 18 -4.99 16.03 28.84
CA GLN A 18 -5.20 15.30 30.12
C GLN A 18 -5.83 13.92 29.87
N ASP A 19 -6.44 13.71 28.68
CA ASP A 19 -7.07 12.44 28.25
C ASP A 19 -6.13 11.64 27.36
N GLY A 20 -4.88 12.09 27.18
CA GLY A 20 -3.88 11.40 26.35
C GLY A 20 -4.20 11.50 24.87
N LYS A 21 -4.89 12.56 24.46
CA LYS A 21 -5.23 12.89 23.06
C LYS A 21 -4.26 13.96 22.53
N ILE A 22 -3.85 13.86 21.25
CA ILE A 22 -3.05 14.90 20.54
C ILE A 22 -3.95 15.66 19.58
N GLY A 23 -5.04 15.03 19.12
CA GLY A 23 -6.07 15.62 18.26
C GLY A 23 -5.84 15.36 16.77
N LEU A 24 -5.21 14.24 16.41
CA LEU A 24 -4.75 14.01 15.02
C LEU A 24 -5.32 12.69 14.49
N ARG A 25 -5.77 12.66 13.23
CA ARG A 25 -5.84 11.42 12.38
C ARG A 25 -4.85 11.57 11.21
N LEU A 26 -4.12 10.49 10.95
CA LEU A 26 -3.05 10.35 9.94
C LEU A 26 -3.52 9.32 8.90
N LYS A 27 -3.13 9.53 7.64
CA LYS A 27 -3.49 8.67 6.47
C LYS A 27 -2.22 8.42 5.64
N SER A 28 -2.00 7.15 5.27
CA SER A 28 -0.85 6.73 4.42
C SER A 28 -1.22 7.06 2.96
N ILE A 29 -0.32 7.78 2.28
CA ILE A 29 -0.46 8.22 0.86
C ILE A 29 0.92 8.09 0.21
N ASP A 30 1.05 7.29 -0.84
CA ASP A 30 2.31 7.25 -1.63
C ASP A 30 3.50 7.06 -0.68
N ASN A 31 3.39 6.06 0.20
CA ASN A 31 4.38 5.66 1.24
C ASN A 31 4.81 6.88 2.05
N GLY A 32 3.94 7.90 2.18
CA GLY A 32 4.06 8.96 3.18
C GLY A 32 2.98 8.82 4.25
N ILE A 33 3.03 9.68 5.26
CA ILE A 33 1.94 9.86 6.25
C ILE A 33 1.55 11.33 6.18
N PHE A 34 0.28 11.58 5.91
CA PHE A 34 -0.31 12.93 5.75
C PHE A 34 -1.41 13.11 6.81
N VAL A 35 -1.68 14.36 7.18
CA VAL A 35 -2.68 14.75 8.21
C VAL A 35 -4.08 14.68 7.57
N GLN A 36 -4.93 13.78 8.07
CA GLN A 36 -6.33 13.60 7.61
C GLN A 36 -7.30 14.48 8.40
N LEU A 37 -7.02 14.76 9.67
CA LEU A 37 -7.95 15.51 10.58
C LEU A 37 -7.17 16.19 11.69
N VAL A 38 -7.52 17.46 11.94
CA VAL A 38 -7.01 18.15 13.15
C VAL A 38 -8.25 18.59 13.97
N GLN A 39 -8.35 18.00 15.18
CA GLN A 39 -9.45 18.20 16.16
C GLN A 39 -9.39 19.65 16.68
N ALA A 40 -10.51 20.38 16.61
CA ALA A 40 -10.64 21.71 17.23
C ALA A 40 -10.11 21.65 18.67
N ASN A 41 -9.29 22.62 19.07
CA ASN A 41 -8.79 22.80 20.47
C ASN A 41 -7.68 21.80 20.81
N SER A 42 -7.30 20.87 19.94
CA SER A 42 -6.36 19.79 20.35
C SER A 42 -4.97 20.38 20.52
N PRO A 43 -4.03 19.65 21.15
CA PRO A 43 -2.61 19.98 21.05
C PRO A 43 -2.10 20.15 19.60
N ALA A 44 -2.67 19.38 18.67
CA ALA A 44 -2.26 19.36 17.25
C ALA A 44 -2.51 20.73 16.63
N SER A 45 -3.66 21.35 16.95
CA SER A 45 -4.04 22.71 16.47
C SER A 45 -3.17 23.77 17.15
N LEU A 46 -2.87 23.60 18.45
CA LEU A 46 -2.03 24.56 19.22
C LEU A 46 -0.63 24.68 18.59
N VAL A 47 -0.01 23.58 18.18
CA VAL A 47 1.36 23.63 17.58
C VAL A 47 1.23 24.01 16.10
N GLY A 48 -0.03 24.04 15.62
CA GLY A 48 -0.42 24.59 14.32
C GLY A 48 -0.31 23.55 13.22
N LEU A 49 -0.57 22.26 13.51
CA LEU A 49 -0.71 21.18 12.50
C LEU A 49 -1.95 21.48 11.65
N ARG A 50 -1.89 21.08 10.36
CA ARG A 50 -2.86 21.47 9.29
C ARG A 50 -3.19 20.22 8.45
N PHE A 51 -4.44 20.11 8.01
CA PHE A 51 -4.89 19.15 6.97
C PHE A 51 -3.90 19.13 5.82
N GLY A 52 -3.39 17.96 5.46
CA GLY A 52 -2.55 17.77 4.27
C GLY A 52 -1.08 17.90 4.55
N ASP A 53 -0.71 18.28 5.77
CA ASP A 53 0.71 18.30 6.20
C ASP A 53 1.27 16.88 6.10
N GLN A 54 2.54 16.76 5.73
CA GLN A 54 3.26 15.46 5.79
C GLN A 54 3.94 15.35 7.16
N VAL A 55 3.81 14.20 7.82
CA VAL A 55 4.65 13.85 8.99
C VAL A 55 5.80 13.03 8.43
N LEU A 56 7.02 13.57 8.44
CA LEU A 56 8.26 12.90 7.97
C LEU A 56 8.78 11.99 9.08
N GLN A 57 8.80 12.51 10.32
CA GLN A 57 9.25 11.77 11.52
C GLN A 57 8.33 12.01 12.72
N ILE A 58 8.27 11.00 13.58
CA ILE A 58 7.64 11.02 14.93
C ILE A 58 8.73 10.55 15.88
N ASN A 59 9.12 11.41 16.83
CA ASN A 59 10.20 11.12 17.81
C ASN A 59 11.48 10.73 17.06
N GLY A 60 11.76 11.40 15.94
CA GLY A 60 12.93 11.17 15.08
C GLY A 60 12.95 9.78 14.45
N GLU A 61 11.81 9.06 14.38
CA GLU A 61 11.62 7.87 13.50
C GLU A 61 11.03 8.31 12.15
N ASN A 62 11.59 7.84 11.04
CA ASN A 62 11.01 8.05 9.69
C ASN A 62 9.65 7.35 9.61
N CYS A 63 8.65 8.01 9.00
CA CYS A 63 7.28 7.48 8.79
C CYS A 63 7.21 6.76 7.42
N ALA A 64 8.21 6.94 6.57
CA ALA A 64 8.27 6.29 5.24
C ALA A 64 7.66 4.89 5.30
N GLY A 65 6.59 4.67 4.55
CA GLY A 65 6.00 3.35 4.32
C GLY A 65 5.09 2.87 5.45
N TRP A 66 4.86 3.62 6.54
CA TRP A 66 3.94 3.17 7.62
C TRP A 66 2.51 3.05 7.08
N SER A 67 1.77 2.04 7.56
CA SER A 67 0.27 1.97 7.52
C SER A 67 -0.30 3.13 8.34
N SER A 68 -1.51 3.57 8.00
CA SER A 68 -2.33 4.53 8.79
C SER A 68 -2.44 4.02 10.22
N ASP A 69 -2.61 2.70 10.39
CA ASP A 69 -2.74 2.03 11.72
C ASP A 69 -1.42 2.15 12.51
N LYS A 70 -0.28 1.86 11.88
CA LYS A 70 1.03 1.89 12.60
C LYS A 70 1.30 3.33 13.07
N ALA A 71 1.05 4.31 12.20
CA ALA A 71 1.14 5.74 12.57
C ALA A 71 0.37 5.97 13.87
N HIS A 72 -0.92 5.60 13.88
CA HIS A 72 -1.88 5.76 15.03
C HIS A 72 -1.44 4.93 16.25
N LYS A 73 -0.97 3.71 15.99
CA LYS A 73 -0.32 2.84 17.01
C LYS A 73 0.86 3.58 17.63
N VAL A 74 1.87 3.95 16.81
CA VAL A 74 3.12 4.62 17.28
C VAL A 74 2.74 5.73 18.26
N LEU A 75 1.83 6.60 17.85
CA LEU A 75 1.38 7.79 18.62
C LEU A 75 0.88 7.37 20.02
N LYS A 76 0.10 6.29 20.07
CA LYS A 76 -0.55 5.78 21.31
C LYS A 76 0.49 5.25 22.30
N GLN A 77 1.79 5.25 21.99
CA GLN A 77 2.85 4.72 22.90
C GLN A 77 3.99 5.72 23.11
N ALA A 78 3.85 6.99 22.73
CA ALA A 78 4.90 8.02 22.89
C ALA A 78 5.09 8.31 24.39
N PHE A 79 6.31 8.64 24.82
CA PHE A 79 6.70 8.88 26.24
C PHE A 79 6.01 10.16 26.76
N GLY A 80 4.77 10.41 26.32
CA GLY A 80 3.79 11.36 26.90
C GLY A 80 4.22 12.82 26.80
N GLU A 81 5.15 13.21 27.67
CA GLU A 81 5.65 14.60 27.89
C GLU A 81 5.86 15.29 26.53
N LYS A 82 6.85 14.81 25.77
CA LYS A 82 7.43 15.49 24.58
C LYS A 82 7.30 14.54 23.38
N ILE A 83 6.55 14.97 22.36
CA ILE A 83 6.55 14.33 21.00
C ILE A 83 7.11 15.32 19.98
N THR A 84 8.28 15.02 19.43
CA THR A 84 8.86 15.69 18.22
C THR A 84 8.22 15.04 16.99
N MET A 85 7.66 15.86 16.11
CA MET A 85 7.25 15.48 14.74
C MET A 85 7.99 16.40 13.76
N THR A 86 8.48 15.83 12.66
CA THR A 86 9.08 16.61 11.55
C THR A 86 8.00 16.74 10.48
N ILE A 87 7.66 17.97 10.13
CA ILE A 87 6.47 18.29 9.26
C ILE A 87 6.95 18.89 7.93
N ARG A 88 6.45 18.40 6.79
CA ARG A 88 6.48 19.15 5.50
C ARG A 88 5.13 19.83 5.30
N ASP A 89 5.15 21.13 5.11
CA ASP A 89 3.93 21.95 4.93
C ASP A 89 3.16 21.54 3.66
N ARG A 90 1.90 21.19 3.86
CA ARG A 90 0.81 20.90 2.89
C ARG A 90 1.36 20.66 1.48
N PRO A 91 2.12 19.57 1.27
CA PRO A 91 2.89 19.40 0.04
C PRO A 91 1.99 19.17 -1.19
N PHE A 92 0.75 18.68 -0.99
CA PHE A 92 -0.23 18.39 -2.06
C PHE A 92 -1.09 19.62 -2.37
N GLU A 93 -0.80 20.75 -1.73
CA GLU A 93 -1.68 21.94 -1.83
C GLU A 93 -0.93 23.12 -2.43
N ARG A 94 -1.70 24.12 -2.84
CA ARG A 94 -1.21 25.39 -3.44
C ARG A 94 -2.15 26.52 -3.03
N THR A 95 -1.63 27.74 -2.95
CA THR A 95 -2.42 28.93 -2.56
C THR A 95 -2.52 29.88 -3.75
N ILE A 96 -3.75 30.33 -4.06
CA ILE A 96 -4.06 31.38 -5.07
C ILE A 96 -4.59 32.59 -4.33
N THR A 97 -4.11 33.78 -4.71
CA THR A 97 -4.55 35.12 -4.24
C THR A 97 -5.37 35.76 -5.36
N MET A 98 -6.60 36.20 -5.04
CA MET A 98 -7.56 36.79 -6.02
C MET A 98 -8.14 38.07 -5.41
N HIS A 99 -8.84 38.88 -6.22
CA HIS A 99 -9.46 40.19 -5.83
C HIS A 99 -10.88 40.26 -6.37
N LYS A 100 -11.90 40.31 -5.52
CA LYS A 100 -13.32 40.39 -5.97
C LYS A 100 -13.51 41.59 -6.91
N ASP A 101 -14.46 41.50 -7.85
CA ASP A 101 -14.98 42.66 -8.61
C ASP A 101 -15.88 43.45 -7.63
N SER A 102 -16.38 44.61 -8.03
CA SER A 102 -17.24 45.47 -7.18
C SER A 102 -18.44 44.66 -6.67
N THR A 103 -18.95 43.73 -7.50
CA THR A 103 -20.07 42.79 -7.23
C THR A 103 -19.73 41.79 -6.12
N GLY A 104 -18.49 41.79 -5.63
CA GLY A 104 -18.02 40.82 -4.62
C GLY A 104 -17.93 39.40 -5.15
N HIS A 105 -17.20 39.20 -6.26
CA HIS A 105 -17.03 37.90 -6.97
C HIS A 105 -15.55 37.68 -7.31
N VAL A 106 -14.98 36.57 -6.88
CA VAL A 106 -13.59 36.16 -7.26
C VAL A 106 -13.68 35.48 -8.63
N GLY A 107 -14.79 34.77 -8.87
CA GLY A 107 -15.30 34.44 -10.21
C GLY A 107 -15.13 32.97 -10.52
N PHE A 108 -15.69 32.09 -9.69
CA PHE A 108 -15.78 30.63 -9.95
C PHE A 108 -17.03 30.03 -9.31
N ILE A 109 -17.24 28.74 -9.61
CA ILE A 109 -18.34 27.90 -9.04
C ILE A 109 -17.71 26.68 -8.38
N PHE A 110 -18.34 26.20 -7.32
CA PHE A 110 -17.94 24.98 -6.58
C PHE A 110 -19.19 24.17 -6.15
N LYS A 111 -18.97 22.89 -5.85
CA LYS A 111 -19.99 21.96 -5.32
C LYS A 111 -19.31 20.84 -4.51
N ASN A 112 -19.73 20.64 -3.25
CA ASN A 112 -19.09 19.73 -2.26
C ASN A 112 -17.64 20.16 -2.10
N GLY A 113 -17.39 21.48 -2.01
CA GLY A 113 -16.06 22.09 -1.81
C GLY A 113 -15.15 21.98 -3.01
N LYS A 114 -15.67 21.57 -4.17
CA LYS A 114 -14.90 21.30 -5.41
C LYS A 114 -15.23 22.35 -6.49
N ILE A 115 -14.21 23.07 -6.96
CA ILE A 115 -14.32 24.06 -8.07
C ILE A 115 -14.68 23.30 -9.35
N THR A 116 -15.76 23.71 -10.04
CA THR A 116 -16.32 22.97 -11.22
C THR A 116 -16.29 23.82 -12.49
N SER A 117 -16.42 25.14 -12.40
CA SER A 117 -16.18 26.08 -13.54
C SER A 117 -15.57 27.39 -13.05
N ILE A 118 -14.72 27.99 -13.91
CA ILE A 118 -14.16 29.36 -13.79
C ILE A 118 -14.95 30.26 -14.74
N VAL A 119 -15.37 31.44 -14.25
CA VAL A 119 -16.18 32.46 -14.99
C VAL A 119 -15.22 33.32 -15.81
N LYS A 120 -15.48 33.45 -17.11
CA LYS A 120 -14.67 34.25 -18.08
C LYS A 120 -14.44 35.64 -17.49
N ASP A 121 -13.28 36.24 -17.79
CA ASP A 121 -12.97 37.67 -17.51
C ASP A 121 -13.01 37.94 -15.99
N SER A 122 -12.48 37.03 -15.16
CA SER A 122 -12.52 37.11 -13.67
C SER A 122 -11.12 36.99 -13.07
N SER A 123 -10.99 37.34 -11.79
CA SER A 123 -9.77 37.20 -10.95
C SER A 123 -9.36 35.72 -10.89
N ALA A 124 -10.33 34.82 -10.70
CA ALA A 124 -10.15 33.35 -10.78
C ALA A 124 -9.57 32.98 -12.16
N ALA A 125 -10.16 33.51 -13.24
CA ALA A 125 -9.59 33.34 -14.60
C ALA A 125 -8.17 33.89 -14.55
N ARG A 126 -8.03 35.19 -14.25
CA ARG A 126 -6.75 35.93 -14.37
C ARG A 126 -5.64 35.22 -13.56
N ASN A 127 -5.97 34.54 -12.46
CA ASN A 127 -4.98 33.91 -11.54
C ASN A 127 -4.82 32.40 -11.85
N GLY A 128 -5.58 31.88 -12.81
CA GLY A 128 -5.50 30.47 -13.23
C GLY A 128 -5.98 29.53 -12.15
N LEU A 129 -7.10 29.86 -11.53
CA LEU A 129 -7.83 28.88 -10.69
C LEU A 129 -8.15 27.68 -11.56
N LEU A 130 -7.87 26.46 -11.07
CA LEU A 130 -8.14 25.20 -11.80
C LEU A 130 -9.48 24.65 -11.29
N THR A 131 -10.24 24.02 -12.17
CA THR A 131 -11.40 23.18 -11.77
C THR A 131 -10.87 21.85 -11.23
N GLU A 132 -11.77 21.02 -10.72
CA GLU A 132 -11.46 19.64 -10.26
C GLU A 132 -10.40 19.71 -9.14
N HIS A 133 -10.50 20.75 -8.31
CA HIS A 133 -9.66 21.03 -7.13
C HIS A 133 -10.60 21.30 -5.97
N ASN A 134 -10.37 20.68 -4.81
CA ASN A 134 -11.19 20.86 -3.57
C ASN A 134 -10.67 22.08 -2.82
N ILE A 135 -11.56 22.85 -2.22
CA ILE A 135 -11.17 24.00 -1.36
C ILE A 135 -10.76 23.44 0.01
N CYS A 136 -9.54 23.74 0.45
CA CYS A 136 -9.01 23.23 1.73
C CYS A 136 -9.07 24.34 2.77
N GLU A 137 -8.65 25.56 2.43
CA GLU A 137 -8.60 26.72 3.36
C GLU A 137 -9.03 28.00 2.62
N ILE A 138 -9.46 29.00 3.39
CA ILE A 138 -9.82 30.36 2.87
C ILE A 138 -9.28 31.40 3.88
N ASN A 139 -8.41 32.28 3.41
CA ASN A 139 -7.59 33.12 4.30
C ASN A 139 -7.14 32.23 5.46
N GLY A 140 -6.39 31.17 5.12
CA GLY A 140 -5.71 30.26 6.07
C GLY A 140 -6.66 29.64 7.08
N GLN A 141 -7.96 29.77 6.86
CA GLN A 141 -9.02 29.19 7.73
C GLN A 141 -9.53 27.89 7.12
N ASN A 142 -9.18 26.74 7.67
CA ASN A 142 -9.69 25.43 7.22
C ASN A 142 -11.23 25.49 7.09
N VAL A 143 -11.78 24.96 5.99
CA VAL A 143 -13.24 24.99 5.65
C VAL A 143 -13.68 23.64 5.07
N ILE A 144 -12.95 22.58 5.37
CA ILE A 144 -13.26 21.25 4.80
C ILE A 144 -14.41 20.62 5.59
N GLY A 145 -15.56 20.42 4.94
CA GLY A 145 -16.72 19.73 5.55
C GLY A 145 -17.87 20.68 5.81
N LEU A 146 -17.59 21.99 5.86
CA LEU A 146 -18.63 23.05 5.91
C LEU A 146 -19.49 22.90 4.67
N LYS A 147 -20.81 23.08 4.79
CA LYS A 147 -21.75 22.94 3.65
C LYS A 147 -21.42 24.05 2.64
N ASP A 148 -21.78 23.86 1.36
CA ASP A 148 -21.38 24.79 0.27
C ASP A 148 -21.81 26.21 0.65
N SER A 149 -23.03 26.36 1.19
CA SER A 149 -23.61 27.64 1.67
C SER A 149 -22.60 28.36 2.57
N GLN A 150 -22.15 27.69 3.65
CA GLN A 150 -21.18 28.28 4.63
C GLN A 150 -19.85 28.67 3.98
N ILE A 151 -19.40 27.97 2.94
CA ILE A 151 -18.11 28.34 2.30
C ILE A 151 -18.36 29.68 1.61
N ALA A 152 -19.54 29.87 1.02
CA ALA A 152 -19.90 31.12 0.30
C ALA A 152 -19.94 32.28 1.29
N ASP A 153 -20.60 32.08 2.44
CA ASP A 153 -20.63 33.06 3.55
C ASP A 153 -19.22 33.64 3.71
N ILE A 154 -18.25 32.77 4.02
CA ILE A 154 -16.83 33.13 4.35
C ILE A 154 -16.24 33.95 3.19
N LEU A 155 -16.65 33.67 1.95
CA LEU A 155 -16.18 34.40 0.75
C LEU A 155 -16.82 35.79 0.73
N SER A 156 -18.15 35.88 0.88
CA SER A 156 -18.88 37.15 1.10
C SER A 156 -18.18 37.98 2.20
N THR A 157 -18.09 37.45 3.42
CA THR A 157 -17.66 38.18 4.64
C THR A 157 -16.12 38.22 4.76
N SER A 158 -15.37 37.95 3.69
CA SER A 158 -13.90 38.15 3.63
C SER A 158 -13.63 39.55 3.06
N GLY A 159 -12.38 40.02 3.08
CA GLY A 159 -11.97 41.29 2.44
C GLY A 159 -11.94 41.20 0.92
N THR A 160 -11.36 42.19 0.24
CA THR A 160 -11.35 42.25 -1.25
C THR A 160 -10.27 41.31 -1.80
N VAL A 161 -9.21 41.07 -1.01
CA VAL A 161 -8.19 40.00 -1.21
C VAL A 161 -8.76 38.70 -0.59
N VAL A 162 -8.91 37.65 -1.41
CA VAL A 162 -9.29 36.28 -0.97
C VAL A 162 -8.15 35.34 -1.32
N THR A 163 -7.77 34.51 -0.36
CA THR A 163 -6.64 33.56 -0.45
C THR A 163 -7.18 32.15 -0.22
N ILE A 164 -7.09 31.31 -1.25
CA ILE A 164 -7.71 29.95 -1.32
C ILE A 164 -6.60 28.91 -1.49
N THR A 165 -6.52 28.00 -0.53
CA THR A 165 -5.62 26.83 -0.56
C THR A 165 -6.39 25.70 -1.18
N ILE A 166 -5.95 25.23 -2.34
CA ILE A 166 -6.66 24.15 -3.10
C ILE A 166 -5.79 22.89 -3.22
N MET A 167 -6.49 21.78 -3.49
CA MET A 167 -5.92 20.43 -3.63
C MET A 167 -6.57 19.73 -4.83
N PRO A 168 -5.75 19.11 -5.70
CA PRO A 168 -6.28 18.26 -6.77
C PRO A 168 -7.24 17.24 -6.17
N ALA A 169 -8.43 17.14 -6.76
CA ALA A 169 -9.59 16.43 -6.17
C ALA A 169 -9.26 14.95 -5.95
N PHE A 170 -8.60 14.29 -6.90
N PHE A 170 -8.56 14.30 -6.88
CA PHE A 170 -8.19 12.87 -6.80
CA PHE A 170 -8.21 12.86 -6.80
C PHE A 170 -7.41 12.64 -5.50
C PHE A 170 -7.33 12.60 -5.56
N ILE A 171 -6.52 13.58 -5.15
CA ILE A 171 -5.66 13.47 -3.94
C ILE A 171 -6.53 13.79 -2.72
N PHE A 172 -7.42 14.79 -2.80
CA PHE A 172 -8.37 15.14 -1.70
C PHE A 172 -9.23 13.91 -1.33
N GLU A 173 -9.82 13.25 -2.32
CA GLU A 173 -10.65 12.03 -2.18
C GLU A 173 -9.86 10.92 -1.50
N HIS A 174 -8.63 10.70 -1.92
CA HIS A 174 -7.77 9.59 -1.40
C HIS A 174 -7.43 9.83 0.08
N ILE A 175 -7.46 11.07 0.57
CA ILE A 175 -7.04 11.44 1.96
C ILE A 175 -8.23 11.25 2.90
N ILE A 176 -9.43 11.72 2.52
CA ILE A 176 -10.66 11.74 3.37
C ILE A 176 -11.36 10.38 3.31
N LYS A 177 -10.97 9.47 2.41
CA LYS A 177 -11.48 8.07 2.36
C LYS A 177 -11.37 7.43 3.75
N ARG A 178 -12.51 6.96 4.27
CA ARG A 178 -12.67 6.18 5.54
C ARG A 178 -12.77 7.16 6.71
N MET A 179 -13.66 8.14 6.55
CA MET A 179 -14.02 9.24 7.48
C MET A 179 -15.28 9.91 6.90
N ALA A 180 -16.47 9.43 7.31
CA ALA A 180 -17.79 9.84 6.79
C ALA A 180 -17.93 11.36 6.89
N PRO A 181 -18.60 12.02 5.92
CA PRO A 181 -18.50 13.47 5.75
C PRO A 181 -19.22 14.30 6.83
N SER A 182 -19.69 13.67 7.91
CA SER A 182 -20.33 14.30 9.09
C SER A 182 -19.27 14.59 10.17
N ILE A 183 -18.23 13.74 10.30
CA ILE A 183 -17.06 14.02 11.21
C ILE A 183 -16.24 15.13 10.54
N MET A 184 -16.18 15.14 9.20
CA MET A 184 -15.63 16.24 8.37
C MET A 184 -16.19 17.57 8.87
N LYS A 185 -17.53 17.71 8.88
CA LYS A 185 -18.28 18.92 9.36
C LYS A 185 -18.13 19.10 10.89
N SER A 186 -18.34 18.03 11.67
CA SER A 186 -18.43 18.04 13.16
C SER A 186 -17.14 18.54 13.81
N LEU A 187 -16.00 17.84 13.59
CA LEU A 187 -14.82 17.86 14.50
C LEU A 187 -13.49 18.18 13.77
N MET A 188 -13.50 18.69 12.52
CA MET A 188 -12.30 19.24 11.83
C MET A 188 -12.09 20.71 12.25
N ASP A 189 -10.88 21.03 12.73
CA ASP A 189 -10.55 22.39 13.23
C ASP A 189 -10.87 23.38 12.12
N HIS A 190 -11.89 24.21 12.32
CA HIS A 190 -12.33 25.28 11.39
C HIS A 190 -11.93 26.64 11.93
N THR A 191 -11.46 26.70 13.17
CA THR A 191 -11.16 27.96 13.89
C THR A 191 -9.93 28.62 13.25
N ILE A 192 -9.89 29.95 13.27
CA ILE A 192 -8.70 30.80 12.98
C ILE A 192 -7.62 30.41 13.99
N PRO A 193 -6.31 30.44 13.65
CA PRO A 193 -5.25 30.17 14.61
C PRO A 193 -5.15 31.19 15.77
N GLU A 194 -4.90 30.67 16.98
CA GLU A 194 -4.64 31.44 18.22
C GLU A 194 -3.21 32.00 18.21
N VAL A 195 -2.92 33.00 19.06
CA VAL A 195 -1.54 33.51 19.34
C VAL A 195 -1.41 33.92 20.82
N ALA B 3 -12.16 -16.08 32.41
CA ALA B 3 -13.58 -16.32 31.98
C ALA B 3 -14.55 -15.71 33.00
N GLU B 4 -14.20 -15.78 34.30
CA GLU B 4 -14.95 -15.24 35.48
C GLU B 4 -15.50 -13.85 35.18
N ILE B 5 -16.83 -13.70 35.29
CA ILE B 5 -17.55 -12.40 35.12
C ILE B 5 -17.07 -11.47 36.24
N LYS B 6 -16.37 -10.39 35.87
CA LYS B 6 -15.69 -9.44 36.79
C LYS B 6 -16.71 -8.44 37.34
N GLN B 7 -16.73 -8.26 38.67
CA GLN B 7 -17.69 -7.37 39.38
C GLN B 7 -17.43 -5.92 38.96
N GLY B 8 -18.35 -5.02 39.31
CA GLY B 8 -18.25 -3.58 39.02
C GLY B 8 -17.84 -3.29 37.58
N ILE B 9 -17.38 -2.06 37.36
CA ILE B 9 -17.34 -1.36 36.04
C ILE B 9 -15.86 -1.13 35.64
N ARG B 10 -15.55 -1.12 34.34
CA ARG B 10 -14.19 -0.77 33.86
C ARG B 10 -14.28 0.22 32.70
N GLU B 11 -13.20 0.97 32.46
CA GLU B 11 -13.06 1.88 31.30
C GLU B 11 -12.32 1.12 30.19
N VAL B 12 -12.73 1.34 28.95
CA VAL B 12 -12.10 0.73 27.74
C VAL B 12 -11.87 1.85 26.73
N ILE B 13 -10.66 1.91 26.15
CA ILE B 13 -10.23 3.00 25.22
C ILE B 13 -10.02 2.39 23.83
N LEU B 14 -10.72 2.91 22.82
CA LEU B 14 -10.62 2.43 21.41
C LEU B 14 -10.12 3.55 20.51
N CYS B 15 -9.40 3.13 19.46
CA CYS B 15 -9.07 3.87 18.21
C CYS B 15 -9.98 3.28 17.11
N LYS B 16 -10.61 4.08 16.25
CA LYS B 16 -11.14 3.56 14.95
C LYS B 16 -9.95 3.06 14.13
N ASP B 17 -10.13 1.98 13.36
CA ASP B 17 -9.11 1.46 12.40
C ASP B 17 -9.06 2.43 11.19
N GLN B 18 -8.24 2.14 10.19
CA GLN B 18 -8.04 3.07 9.05
C GLN B 18 -9.27 3.04 8.13
N ASP B 19 -10.27 2.18 8.40
CA ASP B 19 -11.56 2.16 7.66
C ASP B 19 -12.65 2.93 8.45
N GLY B 20 -12.27 3.63 9.52
CA GLY B 20 -13.20 4.40 10.38
C GLY B 20 -14.02 3.49 11.29
N LYS B 21 -13.61 2.21 11.43
CA LYS B 21 -14.41 1.10 12.01
C LYS B 21 -13.87 0.68 13.39
N ILE B 22 -14.78 0.16 14.22
CA ILE B 22 -14.59 -0.20 15.65
C ILE B 22 -14.76 -1.73 15.82
N GLY B 23 -15.67 -2.30 14.99
CA GLY B 23 -16.14 -3.70 15.01
C GLY B 23 -17.24 -4.00 16.07
N LEU B 24 -18.18 -3.08 16.37
CA LEU B 24 -19.27 -3.40 17.36
C LEU B 24 -20.64 -3.26 16.71
N ARG B 25 -21.50 -4.22 16.96
CA ARG B 25 -22.96 -3.95 16.89
C ARG B 25 -23.45 -3.87 18.34
N LEU B 26 -24.21 -2.81 18.64
CA LEU B 26 -24.88 -2.54 19.94
C LEU B 26 -26.38 -2.74 19.80
N LYS B 27 -27.07 -3.13 20.86
CA LYS B 27 -28.53 -3.38 20.89
C LYS B 27 -29.07 -2.85 22.21
N SER B 28 -30.18 -2.09 22.13
CA SER B 28 -31.04 -1.65 23.25
C SER B 28 -31.70 -2.88 23.91
N ILE B 29 -31.51 -3.05 25.22
CA ILE B 29 -32.16 -4.08 26.09
C ILE B 29 -32.52 -3.43 27.44
N ASP B 30 -33.81 -3.39 27.80
CA ASP B 30 -34.27 -2.96 29.15
C ASP B 30 -33.69 -1.58 29.46
N ASN B 31 -33.69 -0.67 28.48
CA ASN B 31 -33.14 0.70 28.51
C ASN B 31 -31.64 0.73 28.80
N GLY B 32 -30.95 -0.40 28.66
CA GLY B 32 -29.47 -0.45 28.58
C GLY B 32 -29.05 -0.59 27.13
N ILE B 33 -27.73 -0.49 26.87
CA ILE B 33 -27.09 -0.79 25.55
C ILE B 33 -26.11 -1.94 25.77
N PHE B 34 -26.25 -3.00 24.99
CA PHE B 34 -25.43 -4.22 25.17
C PHE B 34 -24.75 -4.53 23.84
N VAL B 35 -23.70 -5.36 23.89
CA VAL B 35 -22.85 -5.68 22.72
C VAL B 35 -23.47 -6.92 22.09
N GLN B 36 -24.07 -6.75 20.92
CA GLN B 36 -24.64 -7.88 20.15
C GLN B 36 -23.59 -8.53 19.23
N LEU B 37 -22.55 -7.80 18.83
CA LEU B 37 -21.45 -8.37 17.99
C LEU B 37 -20.14 -7.61 18.23
N VAL B 38 -19.06 -8.40 18.35
CA VAL B 38 -17.64 -7.94 18.28
C VAL B 38 -17.01 -8.66 17.08
N GLN B 39 -16.37 -7.90 16.18
CA GLN B 39 -15.69 -8.40 14.94
C GLN B 39 -14.28 -8.93 15.24
N ALA B 40 -13.98 -10.12 14.71
CA ALA B 40 -12.62 -10.68 14.53
C ALA B 40 -11.70 -9.61 13.93
N ASN B 41 -10.55 -9.32 14.58
CA ASN B 41 -9.51 -8.38 14.05
C ASN B 41 -10.08 -6.97 13.91
N SER B 42 -10.79 -6.50 14.94
CA SER B 42 -11.31 -5.11 15.07
C SER B 42 -10.57 -4.47 16.23
N PRO B 43 -10.54 -3.12 16.38
CA PRO B 43 -10.06 -2.50 17.60
C PRO B 43 -10.83 -3.06 18.82
N ALA B 44 -12.13 -3.38 18.66
CA ALA B 44 -12.98 -3.86 19.77
C ALA B 44 -12.52 -5.25 20.22
N SER B 45 -12.30 -6.20 19.28
CA SER B 45 -11.66 -7.49 19.65
C SER B 45 -10.33 -7.17 20.31
N LEU B 46 -9.50 -6.26 19.76
CA LEU B 46 -8.16 -6.00 20.32
C LEU B 46 -8.25 -5.54 21.78
N VAL B 47 -9.19 -4.67 22.15
CA VAL B 47 -9.30 -4.16 23.55
C VAL B 47 -10.21 -5.06 24.39
N GLY B 48 -10.62 -6.23 23.87
CA GLY B 48 -11.24 -7.28 24.70
C GLY B 48 -12.66 -6.93 25.16
N LEU B 49 -13.41 -6.09 24.42
CA LEU B 49 -14.88 -6.04 24.39
C LEU B 49 -15.46 -7.40 23.97
N ARG B 50 -16.60 -7.77 24.56
CA ARG B 50 -17.16 -9.14 24.48
C ARG B 50 -18.67 -9.07 24.24
N PHE B 51 -19.17 -9.97 23.41
CA PHE B 51 -20.62 -10.25 23.30
C PHE B 51 -21.21 -10.21 24.73
N GLY B 52 -22.23 -9.39 24.91
CA GLY B 52 -23.04 -9.39 26.14
C GLY B 52 -22.59 -8.35 27.15
N ASP B 53 -21.45 -7.71 26.93
CA ASP B 53 -21.00 -6.56 27.77
C ASP B 53 -22.07 -5.47 27.68
N GLN B 54 -22.22 -4.75 28.78
CA GLN B 54 -23.07 -3.55 28.83
C GLN B 54 -22.19 -2.32 28.64
N VAL B 55 -22.67 -1.39 27.82
CA VAL B 55 -22.03 -0.07 27.65
C VAL B 55 -22.84 0.96 28.43
N LEU B 56 -22.26 1.48 29.52
CA LEU B 56 -22.95 2.46 30.43
C LEU B 56 -22.75 3.85 29.86
N GLN B 57 -21.56 4.06 29.28
CA GLN B 57 -21.14 5.38 28.73
C GLN B 57 -20.22 5.27 27.51
N ILE B 58 -20.43 6.19 26.56
CA ILE B 58 -19.52 6.45 25.43
C ILE B 58 -19.08 7.90 25.51
N ASN B 59 -17.75 8.10 25.55
CA ASN B 59 -17.13 9.44 25.71
C ASN B 59 -17.83 10.14 26.88
N GLY B 60 -18.10 9.46 27.99
CA GLY B 60 -18.66 10.11 29.19
C GLY B 60 -20.12 10.56 29.06
N GLU B 61 -20.82 10.26 27.96
CA GLU B 61 -22.29 10.41 27.85
C GLU B 61 -22.95 9.10 28.29
N ASN B 62 -24.03 9.16 29.08
CA ASN B 62 -24.79 7.97 29.51
C ASN B 62 -25.59 7.42 28.33
N CYS B 63 -25.56 6.10 28.20
CA CYS B 63 -26.29 5.29 27.20
C CYS B 63 -27.73 5.00 27.67
N ALA B 64 -28.06 5.21 28.93
CA ALA B 64 -29.42 4.94 29.45
C ALA B 64 -30.49 5.43 28.46
N GLY B 65 -31.41 4.55 28.02
CA GLY B 65 -32.54 4.90 27.14
C GLY B 65 -32.16 5.01 25.66
N TRP B 66 -30.88 4.95 25.29
CA TRP B 66 -30.52 5.03 23.84
C TRP B 66 -31.12 3.86 23.04
N SER B 67 -31.71 4.15 21.88
CA SER B 67 -32.04 3.14 20.83
C SER B 67 -30.72 2.60 20.25
N SER B 68 -30.76 1.40 19.67
CA SER B 68 -29.65 0.82 18.89
C SER B 68 -29.16 1.86 17.89
N ASP B 69 -30.09 2.53 17.21
CA ASP B 69 -29.80 3.48 16.10
C ASP B 69 -28.96 4.62 16.67
N LYS B 70 -29.38 5.20 17.80
CA LYS B 70 -28.61 6.33 18.39
C LYS B 70 -27.22 5.89 18.87
N ALA B 71 -27.08 4.69 19.44
CA ALA B 71 -25.77 4.16 19.87
C ALA B 71 -24.82 4.09 18.65
N HIS B 72 -25.27 3.42 17.60
CA HIS B 72 -24.54 3.24 16.32
C HIS B 72 -24.23 4.60 15.69
N LYS B 73 -25.17 5.53 15.80
CA LYS B 73 -25.01 6.89 15.27
C LYS B 73 -23.85 7.54 16.02
N VAL B 74 -23.84 7.44 17.35
CA VAL B 74 -22.86 8.15 18.23
C VAL B 74 -21.46 7.62 17.87
N LEU B 75 -21.35 6.32 17.61
CA LEU B 75 -20.05 5.68 17.24
C LEU B 75 -19.58 6.19 15.87
N LYS B 76 -20.47 6.12 14.87
CA LYS B 76 -20.21 6.61 13.49
C LYS B 76 -19.63 8.02 13.58
N GLN B 77 -20.20 8.88 14.44
CA GLN B 77 -19.81 10.31 14.55
C GLN B 77 -18.62 10.56 15.47
N ALA B 78 -18.09 9.55 16.17
CA ALA B 78 -17.02 9.71 17.17
C ALA B 78 -15.65 9.90 16.49
N PHE B 79 -14.94 11.00 16.79
CA PHE B 79 -13.51 11.18 16.42
C PHE B 79 -12.70 9.93 16.79
N GLY B 80 -12.01 9.31 15.84
CA GLY B 80 -11.56 7.91 15.98
C GLY B 80 -10.33 7.73 16.87
N GLU B 81 -9.78 8.82 17.42
CA GLU B 81 -8.48 8.75 18.11
C GLU B 81 -8.67 8.09 19.47
N LYS B 82 -9.55 8.64 20.30
CA LYS B 82 -9.87 8.06 21.63
C LYS B 82 -11.39 8.06 21.86
N ILE B 83 -11.97 6.88 21.80
CA ILE B 83 -13.38 6.65 22.18
C ILE B 83 -13.29 5.98 23.55
N THR B 84 -13.76 6.62 24.61
CA THR B 84 -13.80 5.98 25.95
C THR B 84 -15.17 5.32 26.17
N MET B 85 -15.15 4.06 26.58
CA MET B 85 -16.38 3.33 26.95
C MET B 85 -16.32 2.84 28.39
N THR B 86 -17.34 3.14 29.18
CA THR B 86 -17.56 2.51 30.50
C THR B 86 -18.34 1.21 30.30
N ILE B 87 -17.76 0.10 30.72
CA ILE B 87 -18.29 -1.27 30.51
C ILE B 87 -18.57 -1.92 31.87
N ARG B 88 -19.75 -2.54 32.02
CA ARG B 88 -20.05 -3.59 33.02
C ARG B 88 -19.89 -4.94 32.31
N ASP B 89 -19.14 -5.84 32.90
CA ASP B 89 -18.78 -7.15 32.32
C ASP B 89 -20.02 -8.06 32.25
N ARG B 90 -20.36 -8.47 31.02
CA ARG B 90 -21.39 -9.48 30.67
C ARG B 90 -22.45 -9.65 31.78
N PRO B 91 -23.26 -8.62 32.10
CA PRO B 91 -24.18 -8.67 33.25
C PRO B 91 -25.21 -9.81 33.24
N PHE B 92 -25.67 -10.19 32.03
CA PHE B 92 -26.73 -11.20 31.78
C PHE B 92 -26.12 -12.59 31.79
N GLU B 93 -24.81 -12.71 31.96
CA GLU B 93 -24.13 -14.03 31.86
C GLU B 93 -23.50 -14.38 33.19
N ARG B 94 -23.12 -15.63 33.31
CA ARG B 94 -22.47 -16.29 34.47
C ARG B 94 -21.62 -17.43 33.91
N THR B 95 -20.67 -17.95 34.66
CA THR B 95 -19.81 -19.06 34.17
C THR B 95 -19.78 -20.16 35.21
N ILE B 96 -19.85 -21.38 34.75
CA ILE B 96 -19.91 -22.65 35.53
C ILE B 96 -18.60 -23.35 35.19
N THR B 97 -17.95 -23.94 36.19
CA THR B 97 -16.72 -24.75 35.98
C THR B 97 -17.05 -26.20 36.24
N MET B 98 -16.79 -27.04 35.22
CA MET B 98 -16.99 -28.49 35.25
C MET B 98 -15.68 -29.22 34.99
N HIS B 99 -15.61 -30.47 35.46
CA HIS B 99 -14.48 -31.41 35.26
C HIS B 99 -14.97 -32.58 34.40
N LYS B 100 -14.33 -32.83 33.27
CA LYS B 100 -14.68 -33.96 32.39
C LYS B 100 -14.57 -35.23 33.24
N ASP B 101 -15.44 -36.20 33.03
CA ASP B 101 -15.27 -37.54 33.66
C ASP B 101 -14.32 -38.34 32.76
N SER B 102 -14.16 -39.63 33.03
CA SER B 102 -13.16 -40.51 32.35
C SER B 102 -13.47 -40.70 30.86
N THR B 103 -14.73 -40.50 30.46
CA THR B 103 -15.23 -40.63 29.07
C THR B 103 -15.09 -39.29 28.32
N GLY B 104 -14.69 -38.23 29.01
CA GLY B 104 -14.47 -36.90 28.40
C GLY B 104 -15.70 -36.00 28.42
N HIS B 105 -16.70 -36.31 29.25
CA HIS B 105 -18.00 -35.57 29.30
C HIS B 105 -18.16 -34.73 30.57
N VAL B 106 -18.74 -33.54 30.44
CA VAL B 106 -19.14 -32.72 31.63
C VAL B 106 -20.58 -33.07 32.03
N GLY B 107 -21.41 -33.40 31.04
CA GLY B 107 -22.72 -34.08 31.26
C GLY B 107 -23.91 -33.20 30.90
N PHE B 108 -23.98 -32.68 29.68
CA PHE B 108 -25.25 -32.07 29.17
C PHE B 108 -25.46 -32.35 27.67
N ILE B 109 -26.62 -31.99 27.19
CA ILE B 109 -27.02 -32.05 25.77
C ILE B 109 -27.39 -30.61 25.39
N PHE B 110 -27.04 -30.18 24.19
CA PHE B 110 -27.40 -28.84 23.65
C PHE B 110 -27.84 -29.04 22.21
N LYS B 111 -28.40 -28.01 21.60
CA LYS B 111 -28.86 -27.93 20.19
C LYS B 111 -29.06 -26.46 19.85
N ASN B 112 -28.64 -26.00 18.66
CA ASN B 112 -28.58 -24.55 18.34
C ASN B 112 -27.91 -23.81 19.51
N GLY B 113 -26.87 -24.45 20.08
CA GLY B 113 -26.04 -23.96 21.19
C GLY B 113 -26.86 -23.51 22.40
N LYS B 114 -27.99 -24.17 22.65
CA LYS B 114 -28.85 -24.03 23.85
C LYS B 114 -28.89 -25.37 24.60
N ILE B 115 -28.56 -25.34 25.88
CA ILE B 115 -28.52 -26.55 26.74
C ILE B 115 -29.96 -27.00 26.93
N THR B 116 -30.24 -28.29 26.69
CA THR B 116 -31.61 -28.81 26.76
C THR B 116 -31.75 -29.87 27.84
N SER B 117 -30.68 -30.41 28.36
CA SER B 117 -30.83 -31.54 29.30
C SER B 117 -29.50 -31.67 30.07
N ILE B 118 -29.59 -32.02 31.34
CA ILE B 118 -28.44 -32.22 32.25
C ILE B 118 -28.33 -33.72 32.49
N VAL B 119 -27.18 -34.33 32.27
CA VAL B 119 -27.04 -35.78 32.54
C VAL B 119 -26.98 -35.94 34.06
N LYS B 120 -27.59 -37.01 34.52
CA LYS B 120 -27.69 -37.45 35.93
C LYS B 120 -26.29 -37.64 36.55
N ASP B 121 -26.15 -37.32 37.84
CA ASP B 121 -24.93 -37.57 38.64
C ASP B 121 -23.71 -37.35 37.75
N SER B 122 -23.68 -36.19 37.08
CA SER B 122 -22.55 -35.68 36.25
C SER B 122 -21.95 -34.41 36.86
N SER B 123 -20.83 -33.92 36.31
CA SER B 123 -20.20 -32.67 36.75
C SER B 123 -21.20 -31.52 36.55
N ALA B 124 -21.89 -31.49 35.42
CA ALA B 124 -22.83 -30.40 35.09
C ALA B 124 -23.96 -30.39 36.15
N ALA B 125 -24.34 -31.57 36.62
CA ALA B 125 -25.37 -31.75 37.65
C ALA B 125 -24.83 -31.22 38.99
N ARG B 126 -23.66 -31.68 39.45
CA ARG B 126 -23.02 -31.24 40.71
C ARG B 126 -22.87 -29.72 40.74
N ASN B 127 -22.64 -29.07 39.60
CA ASN B 127 -22.38 -27.60 39.51
C ASN B 127 -23.61 -26.78 39.08
N GLY B 128 -24.79 -27.42 38.92
CA GLY B 128 -26.07 -26.69 38.72
C GLY B 128 -26.15 -26.04 37.36
N LEU B 129 -25.60 -26.71 36.35
CA LEU B 129 -25.82 -26.26 34.95
C LEU B 129 -27.33 -26.28 34.75
N LEU B 130 -27.86 -25.19 34.19
CA LEU B 130 -29.29 -25.00 33.86
C LEU B 130 -29.54 -25.26 32.38
N THR B 131 -30.74 -25.74 32.08
CA THR B 131 -31.24 -25.86 30.70
C THR B 131 -31.84 -24.51 30.33
N GLU B 132 -32.32 -24.40 29.10
CA GLU B 132 -32.93 -23.19 28.52
C GLU B 132 -31.94 -22.04 28.72
N HIS B 133 -30.63 -22.33 28.59
CA HIS B 133 -29.50 -21.35 28.56
C HIS B 133 -28.62 -21.56 27.32
N ASN B 134 -28.33 -20.49 26.61
CA ASN B 134 -27.45 -20.50 25.41
C ASN B 134 -26.00 -20.54 25.85
N ILE B 135 -25.18 -21.36 25.23
CA ILE B 135 -23.70 -21.33 25.40
C ILE B 135 -23.13 -20.15 24.62
N CYS B 136 -22.54 -19.16 25.31
CA CYS B 136 -21.84 -17.97 24.75
C CYS B 136 -20.33 -18.14 24.68
N GLU B 137 -19.70 -18.68 25.71
CA GLU B 137 -18.23 -18.89 25.67
C GLU B 137 -17.91 -20.28 26.26
N ILE B 138 -16.75 -20.80 25.85
CA ILE B 138 -16.06 -22.00 26.41
C ILE B 138 -14.62 -21.61 26.63
N ASN B 139 -14.13 -21.78 27.87
CA ASN B 139 -12.80 -21.32 28.32
C ASN B 139 -12.53 -19.92 27.79
N GLY B 140 -13.56 -19.07 27.74
CA GLY B 140 -13.40 -17.62 27.47
C GLY B 140 -13.54 -17.32 25.99
N GLN B 141 -13.62 -18.39 25.21
CA GLN B 141 -13.80 -18.36 23.75
C GLN B 141 -15.28 -18.25 23.42
N ASN B 142 -15.68 -17.10 22.88
CA ASN B 142 -16.97 -16.86 22.18
C ASN B 142 -17.23 -17.94 21.13
N VAL B 143 -18.34 -18.68 21.22
CA VAL B 143 -18.75 -19.76 20.27
C VAL B 143 -20.09 -19.39 19.64
N ILE B 144 -20.49 -18.13 19.75
CA ILE B 144 -21.82 -17.71 19.28
C ILE B 144 -21.82 -17.68 17.76
N GLY B 145 -22.74 -18.41 17.13
CA GLY B 145 -22.83 -18.53 15.65
C GLY B 145 -22.12 -19.77 15.13
N LEU B 146 -21.41 -20.52 15.97
CA LEU B 146 -20.74 -21.78 15.56
C LEU B 146 -21.74 -22.92 15.57
N LYS B 147 -21.52 -23.90 14.71
CA LYS B 147 -22.36 -25.11 14.57
C LYS B 147 -22.15 -25.99 15.81
N ASP B 148 -23.15 -26.78 16.18
CA ASP B 148 -23.12 -27.65 17.37
C ASP B 148 -21.89 -28.57 17.34
N SER B 149 -21.46 -28.99 16.16
CA SER B 149 -20.28 -29.88 16.04
C SER B 149 -19.04 -29.08 16.41
N GLN B 150 -18.96 -27.83 15.95
CA GLN B 150 -17.80 -26.93 16.21
C GLN B 150 -17.69 -26.75 17.74
N ILE B 151 -18.80 -26.46 18.41
CA ILE B 151 -18.86 -26.30 19.90
C ILE B 151 -18.43 -27.62 20.55
N ALA B 152 -18.91 -28.75 20.07
CA ALA B 152 -18.49 -30.08 20.57
C ALA B 152 -16.97 -30.23 20.45
N ASP B 153 -16.36 -29.81 19.34
CA ASP B 153 -14.90 -30.06 19.13
C ASP B 153 -14.13 -29.23 20.15
N ILE B 154 -14.43 -27.94 20.21
CA ILE B 154 -13.85 -26.98 21.20
C ILE B 154 -13.98 -27.63 22.60
N LEU B 155 -15.12 -28.25 22.91
CA LEU B 155 -15.26 -28.95 24.20
C LEU B 155 -14.25 -30.09 24.27
N SER B 156 -14.21 -30.95 23.25
CA SER B 156 -13.26 -32.10 23.19
C SER B 156 -11.81 -31.59 23.31
N THR B 157 -11.41 -30.60 22.52
CA THR B 157 -9.99 -30.13 22.51
C THR B 157 -9.69 -29.43 23.82
N SER B 158 -10.70 -29.13 24.64
CA SER B 158 -10.47 -28.47 25.93
C SER B 158 -9.80 -29.44 26.90
N GLY B 159 -9.17 -28.91 27.94
CA GLY B 159 -8.67 -29.74 29.05
C GLY B 159 -9.80 -30.28 29.89
N THR B 160 -9.49 -31.19 30.79
CA THR B 160 -10.36 -31.67 31.89
C THR B 160 -11.20 -30.54 32.50
N VAL B 161 -10.55 -29.48 32.94
CA VAL B 161 -11.30 -28.35 33.55
C VAL B 161 -11.89 -27.58 32.38
N VAL B 162 -13.22 -27.54 32.28
CA VAL B 162 -13.98 -26.81 31.22
C VAL B 162 -14.79 -25.69 31.90
N THR B 163 -14.70 -24.46 31.41
CA THR B 163 -15.49 -23.36 31.98
C THR B 163 -16.49 -22.89 30.94
N ILE B 164 -17.80 -22.93 31.21
CA ILE B 164 -18.84 -22.48 30.23
C ILE B 164 -19.45 -21.18 30.73
N THR B 165 -19.62 -20.20 29.85
CA THR B 165 -20.33 -18.93 30.13
C THR B 165 -21.69 -19.05 29.44
N ILE B 166 -22.80 -18.79 30.18
CA ILE B 166 -24.17 -19.10 29.73
C ILE B 166 -25.05 -17.87 29.91
N MET B 167 -26.12 -17.79 29.12
CA MET B 167 -27.11 -16.69 29.17
C MET B 167 -28.52 -17.28 29.05
N PRO B 168 -29.47 -16.89 29.95
CA PRO B 168 -30.85 -17.35 29.84
C PRO B 168 -31.35 -17.15 28.39
N ALA B 169 -32.01 -18.15 27.84
CA ALA B 169 -32.32 -18.18 26.39
C ALA B 169 -33.16 -16.97 25.98
N PHE B 170 -34.14 -16.60 26.80
N PHE B 170 -34.18 -16.61 26.77
CA PHE B 170 -35.08 -15.48 26.51
CA PHE B 170 -35.08 -15.47 26.49
C PHE B 170 -34.28 -14.20 26.27
C PHE B 170 -34.23 -14.23 26.20
N ILE B 171 -33.16 -14.03 26.99
CA ILE B 171 -32.35 -12.77 26.90
C ILE B 171 -31.48 -12.86 25.66
N PHE B 172 -30.82 -14.01 25.46
CA PHE B 172 -29.99 -14.31 24.28
C PHE B 172 -30.81 -14.08 23.02
N GLU B 173 -31.97 -14.68 22.93
CA GLU B 173 -32.86 -14.48 21.76
C GLU B 173 -33.13 -12.98 21.55
N HIS B 174 -33.16 -12.16 22.60
CA HIS B 174 -33.50 -10.72 22.49
C HIS B 174 -32.28 -9.99 21.95
N ILE B 175 -31.08 -10.37 22.38
CA ILE B 175 -29.83 -9.59 22.16
C ILE B 175 -29.44 -9.69 20.68
N ILE B 176 -29.70 -10.82 20.03
CA ILE B 176 -29.33 -11.09 18.61
C ILE B 176 -30.41 -10.57 17.64
N LYS B 177 -31.61 -10.22 18.10
CA LYS B 177 -32.58 -9.54 17.20
C LYS B 177 -31.90 -8.33 16.53
N ARG B 178 -32.42 -7.87 15.39
CA ARG B 178 -31.87 -6.74 14.59
C ARG B 178 -30.46 -7.07 14.06
N MET B 179 -30.18 -8.33 13.75
CA MET B 179 -28.83 -8.75 13.28
C MET B 179 -29.01 -10.01 12.44
N ALA B 180 -28.61 -9.93 11.16
CA ALA B 180 -28.76 -11.01 10.16
C ALA B 180 -27.97 -12.23 10.61
N PRO B 181 -28.64 -13.37 10.88
CA PRO B 181 -27.97 -14.63 11.21
C PRO B 181 -26.62 -14.86 10.52
N SER B 182 -26.40 -14.24 9.35
CA SER B 182 -25.24 -14.43 8.45
C SER B 182 -24.10 -13.49 8.86
N ILE B 183 -24.44 -12.30 9.36
CA ILE B 183 -23.46 -11.37 10.03
C ILE B 183 -22.89 -12.05 11.29
N MET B 184 -23.76 -12.68 12.07
CA MET B 184 -23.42 -13.31 13.38
C MET B 184 -22.57 -14.56 13.12
N LYS B 185 -22.78 -15.25 12.01
CA LYS B 185 -22.03 -16.51 11.75
C LYS B 185 -20.69 -16.16 11.09
N SER B 186 -20.61 -15.05 10.37
CA SER B 186 -19.45 -14.74 9.51
C SER B 186 -18.48 -13.83 10.24
N LEU B 187 -19.00 -12.85 11.00
CA LEU B 187 -18.20 -11.73 11.55
C LEU B 187 -17.88 -11.91 13.04
N MET B 188 -18.63 -12.72 13.80
CA MET B 188 -18.45 -12.79 15.28
C MET B 188 -17.02 -13.24 15.59
N ASP B 189 -16.40 -12.54 16.55
CA ASP B 189 -15.07 -12.86 17.11
C ASP B 189 -15.10 -14.23 17.78
N HIS B 190 -14.10 -15.06 17.54
CA HIS B 190 -13.92 -16.38 18.16
C HIS B 190 -12.47 -16.61 18.64
N THR B 191 -11.70 -15.52 18.80
CA THR B 191 -10.31 -15.52 19.33
C THR B 191 -10.19 -16.33 20.62
N ILE B 192 -9.06 -17.00 20.84
CA ILE B 192 -8.75 -17.60 22.16
C ILE B 192 -8.20 -16.47 23.02
N PRO B 193 -8.75 -16.26 24.24
CA PRO B 193 -8.21 -15.28 25.16
C PRO B 193 -6.67 -15.27 25.25
N GLU B 194 -6.07 -14.09 25.07
CA GLU B 194 -4.61 -13.88 25.15
C GLU B 194 -4.25 -13.37 26.54
N VAL B 195 -2.99 -13.45 26.94
CA VAL B 195 -2.46 -12.68 28.09
C VAL B 195 -1.39 -11.71 27.58
N ALA C 3 17.21 22.37 -9.09
CA ALA C 3 15.97 23.14 -9.41
C ALA C 3 15.44 23.80 -8.13
N GLU C 4 14.28 24.49 -8.23
CA GLU C 4 13.59 25.14 -7.07
C GLU C 4 12.40 25.96 -7.58
N ILE C 5 11.18 25.60 -7.18
CA ILE C 5 9.90 26.27 -7.61
C ILE C 5 9.74 27.59 -6.84
N LYS C 6 10.11 28.71 -7.48
CA LYS C 6 9.82 30.09 -7.01
C LYS C 6 8.32 30.38 -7.22
N GLN C 7 7.62 30.85 -6.18
CA GLN C 7 6.14 31.02 -6.16
C GLN C 7 5.76 32.45 -6.53
N GLY C 8 4.48 32.67 -6.87
CA GLY C 8 3.99 33.89 -7.51
C GLY C 8 3.85 33.62 -8.99
N ILE C 9 4.25 34.55 -9.85
CA ILE C 9 3.87 34.62 -11.30
C ILE C 9 4.93 35.45 -12.03
N ARG C 10 5.33 35.12 -13.26
CA ARG C 10 6.29 35.97 -14.03
C ARG C 10 5.80 36.20 -15.45
N GLU C 11 6.28 37.29 -16.06
CA GLU C 11 6.08 37.67 -17.47
C GLU C 11 7.24 37.11 -18.31
N VAL C 12 6.96 36.56 -19.49
CA VAL C 12 8.01 36.21 -20.50
C VAL C 12 7.66 36.89 -21.82
N ILE C 13 8.65 37.57 -22.40
CA ILE C 13 8.62 38.15 -23.77
C ILE C 13 9.31 37.11 -24.66
N LEU C 14 8.66 36.78 -25.79
CA LEU C 14 9.10 35.73 -26.74
C LEU C 14 9.13 36.32 -28.15
N CYS C 15 9.95 35.74 -29.03
CA CYS C 15 10.04 36.11 -30.48
C CYS C 15 10.04 34.80 -31.28
N LYS C 16 9.13 34.69 -32.27
CA LYS C 16 9.09 33.49 -33.16
C LYS C 16 10.44 33.42 -33.86
N ASP C 17 11.01 32.23 -34.00
CA ASP C 17 12.35 32.06 -34.63
C ASP C 17 12.19 32.26 -36.14
N GLN C 18 13.28 32.01 -36.87
CA GLN C 18 13.32 31.97 -38.36
C GLN C 18 12.10 31.21 -38.94
N ASP C 19 11.80 30.03 -38.38
CA ASP C 19 10.80 29.07 -38.91
C ASP C 19 9.36 29.44 -38.46
N GLY C 20 9.20 30.52 -37.67
CA GLY C 20 7.90 30.94 -37.09
C GLY C 20 7.43 30.11 -35.89
N LYS C 21 8.27 29.19 -35.41
CA LYS C 21 8.04 28.32 -34.21
C LYS C 21 8.62 29.02 -32.98
N ILE C 22 8.07 28.75 -31.78
CA ILE C 22 8.70 29.07 -30.46
C ILE C 22 9.16 27.79 -29.73
N GLY C 23 8.69 26.62 -30.13
CA GLY C 23 9.19 25.34 -29.59
C GLY C 23 8.42 24.94 -28.34
N LEU C 24 7.08 24.98 -28.46
CA LEU C 24 6.11 24.75 -27.37
C LEU C 24 5.02 23.76 -27.78
N ARG C 25 4.73 22.81 -26.89
CA ARG C 25 3.42 22.12 -26.86
C ARG C 25 2.78 22.42 -25.51
N LEU C 26 1.47 22.62 -25.53
CA LEU C 26 0.59 23.07 -24.43
C LEU C 26 -0.56 22.07 -24.26
N LYS C 27 -1.12 21.95 -23.06
CA LYS C 27 -2.18 20.96 -22.77
C LYS C 27 -3.17 21.50 -21.75
N SER C 28 -4.45 21.35 -22.07
CA SER C 28 -5.60 21.60 -21.17
C SER C 28 -5.54 20.60 -20.02
N ILE C 29 -5.45 21.11 -18.78
CA ILE C 29 -5.56 20.33 -17.52
C ILE C 29 -6.46 21.12 -16.54
N ASP C 30 -7.61 20.59 -16.15
CA ASP C 30 -8.47 21.23 -15.11
C ASP C 30 -8.72 22.70 -15.46
N ASN C 31 -9.08 22.96 -16.71
CA ASN C 31 -9.46 24.30 -17.24
C ASN C 31 -8.28 25.29 -17.20
N GLY C 32 -7.07 24.76 -17.06
CA GLY C 32 -5.87 25.58 -17.29
C GLY C 32 -5.17 25.21 -18.59
N ILE C 33 -4.08 25.93 -18.91
CA ILE C 33 -3.12 25.56 -19.98
C ILE C 33 -1.75 25.40 -19.33
N PHE C 34 -1.11 24.29 -19.67
CA PHE C 34 0.18 23.82 -19.12
C PHE C 34 1.12 23.42 -20.27
N VAL C 35 2.41 23.64 -20.05
CA VAL C 35 3.49 23.26 -21.00
C VAL C 35 3.69 21.75 -20.88
N GLN C 36 3.40 21.00 -21.96
CA GLN C 36 3.74 19.55 -22.06
C GLN C 36 5.00 19.32 -22.88
N LEU C 37 5.60 20.35 -23.47
CA LEU C 37 6.95 20.15 -24.07
C LEU C 37 7.58 21.47 -24.49
N VAL C 38 8.86 21.57 -24.15
CA VAL C 38 9.79 22.62 -24.62
C VAL C 38 10.87 21.91 -25.46
N GLN C 39 11.05 22.32 -26.72
CA GLN C 39 12.15 21.80 -27.60
C GLN C 39 13.47 22.44 -27.20
N ALA C 40 14.56 21.68 -27.28
CA ALA C 40 15.95 22.19 -27.14
C ALA C 40 16.21 23.38 -28.11
N ASN C 41 16.96 24.37 -27.64
N ASN C 41 17.06 24.31 -27.65
CA ASN C 41 17.48 25.51 -28.47
CA ASN C 41 17.47 25.59 -28.31
C ASN C 41 16.32 26.33 -29.06
C ASN C 41 16.29 26.20 -29.08
N SER C 42 15.14 26.32 -28.41
CA SER C 42 13.94 27.02 -28.94
C SER C 42 13.86 28.39 -28.28
N PRO C 43 13.10 29.34 -28.87
CA PRO C 43 12.78 30.59 -28.17
C PRO C 43 12.23 30.32 -26.76
N ALA C 44 11.38 29.29 -26.64
CA ALA C 44 10.72 28.86 -25.37
C ALA C 44 11.78 28.43 -24.35
N SER C 45 12.65 27.49 -24.71
CA SER C 45 13.73 26.97 -23.81
C SER C 45 14.65 28.13 -23.42
N LEU C 46 15.12 28.92 -24.40
CA LEU C 46 16.10 30.03 -24.18
C LEU C 46 15.56 30.98 -23.10
N VAL C 47 14.24 31.20 -23.02
CA VAL C 47 13.59 32.29 -22.23
C VAL C 47 13.15 31.78 -20.84
N GLY C 48 13.39 30.50 -20.53
CA GLY C 48 13.19 29.90 -19.19
C GLY C 48 12.03 28.91 -19.06
N LEU C 49 11.03 28.93 -19.95
CA LEU C 49 9.83 28.05 -19.89
C LEU C 49 10.24 26.58 -19.69
N ARG C 50 9.51 25.84 -18.87
CA ARG C 50 9.89 24.46 -18.48
C ARG C 50 8.66 23.59 -18.53
N PHE C 51 8.87 22.32 -18.85
CA PHE C 51 7.80 21.30 -18.72
C PHE C 51 7.06 21.58 -17.43
N GLY C 52 5.75 21.68 -17.45
CA GLY C 52 4.96 21.80 -16.20
C GLY C 52 4.50 23.22 -15.94
N ASP C 53 5.08 24.19 -16.64
CA ASP C 53 4.69 25.63 -16.52
C ASP C 53 3.18 25.76 -16.78
N GLN C 54 2.51 26.63 -16.04
CA GLN C 54 1.10 26.99 -16.29
C GLN C 54 1.11 28.31 -17.01
N VAL C 55 0.37 28.40 -18.12
CA VAL C 55 0.12 29.68 -18.87
C VAL C 55 -1.27 30.22 -18.48
N LEU C 56 -1.26 31.43 -17.91
CA LEU C 56 -2.46 32.17 -17.43
C LEU C 56 -2.97 33.07 -18.57
N GLN C 57 -2.08 33.81 -19.23
CA GLN C 57 -2.37 34.74 -20.36
C GLN C 57 -1.37 34.57 -21.51
N ILE C 58 -1.86 34.76 -22.74
CA ILE C 58 -1.08 34.83 -24.00
C ILE C 58 -1.48 36.12 -24.70
N ASN C 59 -0.57 37.11 -24.70
CA ASN C 59 -0.78 38.49 -25.20
C ASN C 59 -1.96 39.11 -24.45
N GLY C 60 -2.05 38.86 -23.14
CA GLY C 60 -3.00 39.53 -22.25
C GLY C 60 -4.40 38.92 -22.27
N GLU C 61 -4.71 38.02 -23.19
CA GLU C 61 -5.95 37.21 -23.13
C GLU C 61 -5.70 36.22 -21.98
N ASN C 62 -6.75 35.84 -21.24
CA ASN C 62 -6.75 34.74 -20.23
C ASN C 62 -6.81 33.39 -20.94
N CYS C 63 -5.96 32.40 -20.59
CA CYS C 63 -6.01 31.02 -21.16
C CYS C 63 -7.11 30.15 -20.52
N ALA C 64 -7.70 30.58 -19.39
CA ALA C 64 -8.75 29.85 -18.64
C ALA C 64 -9.79 29.25 -19.60
N GLY C 65 -9.93 27.92 -19.54
CA GLY C 65 -10.93 27.12 -20.26
C GLY C 65 -10.60 26.86 -21.72
N TRP C 66 -9.42 27.27 -22.21
CA TRP C 66 -8.95 26.99 -23.60
C TRP C 66 -8.66 25.50 -23.79
N SER C 67 -9.14 24.93 -24.88
CA SER C 67 -8.66 23.60 -25.37
C SER C 67 -7.18 23.73 -25.72
N SER C 68 -6.46 22.62 -25.70
CA SER C 68 -5.10 22.56 -26.29
C SER C 68 -5.15 23.19 -27.69
N ASP C 69 -6.08 22.74 -28.55
CA ASP C 69 -6.24 23.24 -29.95
C ASP C 69 -6.27 24.77 -29.98
N LYS C 70 -7.09 25.39 -29.13
CA LYS C 70 -7.24 26.85 -29.13
C LYS C 70 -5.91 27.52 -28.73
N ALA C 71 -5.19 26.98 -27.74
CA ALA C 71 -3.90 27.56 -27.32
C ALA C 71 -2.90 27.48 -28.49
N HIS C 72 -2.87 26.36 -29.19
CA HIS C 72 -2.00 26.19 -30.39
C HIS C 72 -2.43 27.19 -31.47
N LYS C 73 -3.73 27.36 -31.71
CA LYS C 73 -4.21 28.21 -32.82
C LYS C 73 -3.87 29.67 -32.47
N VAL C 74 -4.10 30.10 -31.22
CA VAL C 74 -3.83 31.50 -30.77
C VAL C 74 -2.33 31.82 -30.87
N LEU C 75 -1.46 30.91 -30.44
CA LEU C 75 0.00 31.15 -30.59
C LEU C 75 0.35 31.24 -32.08
N LYS C 76 -0.11 30.28 -32.88
CA LYS C 76 0.25 30.15 -34.31
C LYS C 76 -0.08 31.46 -35.04
N GLN C 77 -1.08 32.24 -34.58
CA GLN C 77 -1.65 33.37 -35.36
C GLN C 77 -1.05 34.73 -35.01
N ALA C 78 -0.24 34.81 -33.95
CA ALA C 78 0.23 36.09 -33.36
C ALA C 78 1.47 36.59 -34.11
N PHE C 79 1.57 37.89 -34.40
CA PHE C 79 2.59 38.42 -35.34
C PHE C 79 3.12 39.82 -34.97
N GLY C 80 2.46 40.54 -34.06
CA GLY C 80 3.18 41.57 -33.28
C GLY C 80 4.58 41.06 -32.92
N GLU C 81 5.61 41.87 -33.12
CA GLU C 81 7.05 41.45 -33.05
C GLU C 81 7.32 40.54 -31.84
N LYS C 82 6.57 40.67 -30.74
CA LYS C 82 6.82 39.88 -29.51
C LYS C 82 5.52 39.22 -29.03
N ILE C 83 5.65 38.12 -28.29
CA ILE C 83 4.53 37.43 -27.60
C ILE C 83 4.74 37.62 -26.09
N THR C 84 3.70 38.08 -25.36
CA THR C 84 3.67 38.25 -23.88
C THR C 84 2.87 37.09 -23.26
N MET C 85 3.57 36.22 -22.53
CA MET C 85 3.01 35.09 -21.77
C MET C 85 3.15 35.36 -20.26
N THR C 86 2.09 35.07 -19.52
CA THR C 86 2.06 35.04 -18.04
C THR C 86 2.17 33.59 -17.57
N ILE C 87 3.15 33.30 -16.71
CA ILE C 87 3.56 31.94 -16.28
C ILE C 87 3.42 31.83 -14.74
N ARG C 88 2.92 30.69 -14.24
CA ARG C 88 3.09 30.22 -12.84
C ARG C 88 4.09 29.04 -12.85
N ASP C 89 5.17 29.14 -12.07
CA ASP C 89 6.22 28.10 -11.97
C ASP C 89 5.58 26.75 -11.67
N ARG C 90 5.82 25.77 -12.53
CA ARG C 90 5.57 24.31 -12.34
C ARG C 90 4.60 23.99 -11.18
N PRO C 91 3.29 24.41 -11.20
CA PRO C 91 2.41 24.33 -10.03
C PRO C 91 1.97 22.93 -9.55
N PHE C 92 2.13 21.89 -10.36
CA PHE C 92 1.85 20.50 -9.95
C PHE C 92 3.12 19.88 -9.39
N GLU C 93 4.23 20.62 -9.32
CA GLU C 93 5.55 20.03 -8.98
C GLU C 93 6.09 20.56 -7.64
N ARG C 94 6.94 19.74 -7.01
N ARG C 94 6.96 19.76 -7.00
CA ARG C 94 7.75 20.07 -5.80
CA ARG C 94 7.75 20.15 -5.80
C ARG C 94 9.19 19.60 -6.03
C ARG C 94 9.13 19.48 -5.88
N THR C 95 10.12 20.02 -5.16
CA THR C 95 11.52 19.52 -5.19
C THR C 95 11.91 19.04 -3.79
N ILE C 96 12.78 18.04 -3.75
CA ILE C 96 13.20 17.31 -2.54
C ILE C 96 14.71 17.25 -2.63
N THR C 97 15.39 17.70 -1.60
CA THR C 97 16.86 17.69 -1.47
C THR C 97 17.22 16.50 -0.58
N MET C 98 17.99 15.58 -1.14
CA MET C 98 18.51 14.35 -0.51
C MET C 98 20.04 14.37 -0.59
N HIS C 99 20.69 13.72 0.38
CA HIS C 99 22.16 13.52 0.47
C HIS C 99 22.44 12.02 0.31
N LYS C 100 23.44 11.64 -0.50
CA LYS C 100 23.78 10.19 -0.70
C LYS C 100 24.42 9.61 0.57
N ASP C 101 24.12 8.35 0.88
CA ASP C 101 24.93 7.50 1.79
C ASP C 101 26.34 7.34 1.20
N SER C 102 27.19 6.52 1.81
CA SER C 102 28.62 6.31 1.45
C SER C 102 28.75 5.41 0.21
N THR C 103 27.89 4.40 0.07
CA THR C 103 27.77 3.57 -1.17
C THR C 103 27.20 4.41 -2.33
N GLY C 104 26.91 5.71 -2.11
CA GLY C 104 26.49 6.67 -3.14
C GLY C 104 25.03 6.53 -3.59
N HIS C 105 24.15 5.96 -2.76
CA HIS C 105 22.70 5.75 -3.07
C HIS C 105 21.85 6.83 -2.37
N VAL C 106 20.75 7.24 -3.00
CA VAL C 106 19.82 8.32 -2.53
C VAL C 106 18.72 7.75 -1.61
N GLY C 107 18.24 6.54 -1.91
CA GLY C 107 17.28 5.76 -1.12
C GLY C 107 15.94 5.50 -1.82
N PHE C 108 15.94 5.22 -3.14
CA PHE C 108 14.69 4.93 -3.89
C PHE C 108 14.94 4.12 -5.17
N ILE C 109 13.95 3.33 -5.53
CA ILE C 109 13.81 2.60 -6.84
C ILE C 109 12.88 3.40 -7.75
N PHE C 110 13.06 3.29 -9.07
CA PHE C 110 12.14 3.86 -10.10
C PHE C 110 12.05 2.98 -11.35
N LYS C 111 11.12 3.34 -12.25
CA LYS C 111 10.75 2.58 -13.47
C LYS C 111 9.88 3.49 -14.35
N ASN C 112 10.34 3.82 -15.57
CA ASN C 112 9.62 4.78 -16.45
C ASN C 112 9.59 6.14 -15.76
N GLY C 113 10.70 6.47 -15.09
CA GLY C 113 10.96 7.71 -14.32
C GLY C 113 10.03 7.85 -13.13
N LYS C 114 9.34 6.79 -12.70
CA LYS C 114 8.32 6.86 -11.64
C LYS C 114 8.89 6.21 -10.37
N ILE C 115 8.99 6.95 -9.27
CA ILE C 115 9.50 6.39 -7.99
C ILE C 115 8.53 5.27 -7.56
N THR C 116 9.06 4.10 -7.21
CA THR C 116 8.20 2.92 -6.95
C THR C 116 8.40 2.37 -5.53
N SER C 117 9.59 2.56 -4.95
CA SER C 117 9.82 2.21 -3.52
C SER C 117 10.80 3.20 -2.89
N ILE C 118 10.69 3.38 -1.58
CA ILE C 118 11.60 4.22 -0.75
C ILE C 118 12.31 3.25 0.18
N VAL C 119 13.57 3.52 0.46
CA VAL C 119 14.44 2.69 1.35
C VAL C 119 14.26 3.22 2.78
N LYS C 120 13.92 2.32 3.72
CA LYS C 120 13.90 2.60 5.18
C LYS C 120 15.24 3.24 5.55
N ASP C 121 15.19 4.39 6.25
CA ASP C 121 16.36 5.01 6.93
C ASP C 121 17.18 5.83 5.94
N SER C 122 16.76 5.96 4.68
CA SER C 122 17.47 6.74 3.63
C SER C 122 17.14 8.24 3.74
N SER C 123 17.83 9.07 2.95
CA SER C 123 17.61 10.55 2.88
C SER C 123 16.28 10.84 2.17
N ALA C 124 15.98 10.07 1.14
CA ALA C 124 14.65 9.92 0.52
C ALA C 124 13.58 9.88 1.64
N ALA C 125 13.62 8.85 2.47
CA ALA C 125 12.73 8.69 3.64
C ALA C 125 12.75 9.99 4.46
N ARG C 126 13.90 10.34 5.05
CA ARG C 126 14.06 11.51 5.96
C ARG C 126 13.40 12.77 5.38
N ASN C 127 13.43 12.92 4.05
CA ASN C 127 12.85 14.10 3.36
C ASN C 127 11.51 13.76 2.69
N GLY C 128 11.02 12.53 2.85
CA GLY C 128 9.64 12.15 2.49
C GLY C 128 9.38 12.26 0.99
N LEU C 129 10.35 11.79 0.20
CA LEU C 129 10.12 11.41 -1.22
C LEU C 129 9.01 10.37 -1.25
N LEU C 130 8.01 10.57 -2.09
CA LEU C 130 6.86 9.66 -2.20
C LEU C 130 7.04 8.71 -3.37
N THR C 131 6.25 7.64 -3.34
CA THR C 131 6.04 6.73 -4.47
C THR C 131 4.94 7.34 -5.31
N GLU C 132 4.73 6.77 -6.50
CA GLU C 132 3.63 7.16 -7.40
C GLU C 132 3.89 8.60 -7.88
N HIS C 133 5.16 8.95 -8.02
CA HIS C 133 5.61 10.31 -8.43
C HIS C 133 6.60 10.15 -9.58
N ASN C 134 6.33 10.82 -10.70
CA ASN C 134 7.28 10.91 -11.86
C ASN C 134 8.38 11.95 -11.58
N ILE C 135 9.63 11.60 -11.85
CA ILE C 135 10.80 12.51 -11.76
C ILE C 135 10.75 13.41 -12.99
N CYS C 136 10.59 14.73 -12.81
CA CYS C 136 10.56 15.75 -13.90
C CYS C 136 11.95 16.35 -14.22
N GLU C 137 12.79 16.49 -13.18
CA GLU C 137 14.10 17.14 -13.24
C GLU C 137 14.96 16.53 -12.14
N ILE C 138 16.27 16.39 -12.39
CA ILE C 138 17.32 16.25 -11.36
C ILE C 138 18.19 17.51 -11.42
N ASN C 139 18.28 18.24 -10.31
CA ASN C 139 19.09 19.47 -10.15
C ASN C 139 18.76 20.42 -11.29
N GLY C 140 17.47 20.62 -11.60
CA GLY C 140 17.02 21.59 -12.63
C GLY C 140 17.04 21.06 -14.05
N GLN C 141 17.63 19.90 -14.27
CA GLN C 141 17.73 19.31 -15.62
C GLN C 141 16.50 18.40 -15.88
N ASN C 142 15.64 18.82 -16.82
CA ASN C 142 14.46 18.05 -17.32
C ASN C 142 14.94 16.65 -17.69
N VAL C 143 14.36 15.58 -17.15
CA VAL C 143 14.78 14.22 -17.62
C VAL C 143 13.60 13.52 -18.29
N ILE C 144 12.62 14.32 -18.73
CA ILE C 144 11.35 13.79 -19.28
C ILE C 144 11.62 13.25 -20.69
N GLY C 145 11.42 11.94 -20.85
CA GLY C 145 11.66 11.21 -22.09
C GLY C 145 12.83 10.25 -21.97
N LEU C 146 13.88 10.64 -21.23
CA LEU C 146 15.11 9.82 -21.02
C LEU C 146 14.77 8.42 -20.51
N LYS C 147 15.62 7.44 -20.82
CA LYS C 147 15.52 6.03 -20.35
C LYS C 147 15.90 6.04 -18.87
N ASP C 148 15.51 4.99 -18.14
CA ASP C 148 15.90 4.87 -16.71
C ASP C 148 17.42 5.00 -16.66
N SER C 149 18.13 4.28 -17.54
CA SER C 149 19.62 4.21 -17.57
C SER C 149 20.19 5.64 -17.68
N GLN C 150 19.67 6.52 -18.52
CA GLN C 150 20.22 7.92 -18.60
C GLN C 150 19.95 8.66 -17.27
N ILE C 151 18.73 8.51 -16.72
CA ILE C 151 18.32 9.11 -15.42
C ILE C 151 19.28 8.58 -14.32
N ALA C 152 19.45 7.26 -14.23
CA ALA C 152 20.34 6.64 -13.22
C ALA C 152 21.78 7.14 -13.38
N ASP C 153 22.28 7.25 -14.62
CA ASP C 153 23.65 7.73 -14.88
C ASP C 153 23.77 9.19 -14.38
N ILE C 154 22.69 9.98 -14.43
CA ILE C 154 22.69 11.41 -14.00
C ILE C 154 22.82 11.45 -12.47
N LEU C 155 22.00 10.65 -11.77
CA LEU C 155 22.02 10.55 -10.29
C LEU C 155 23.44 10.21 -9.82
N SER C 156 24.11 9.25 -10.48
CA SER C 156 25.52 8.85 -10.23
C SER C 156 26.40 10.09 -10.25
N THR C 157 26.22 10.95 -11.25
CA THR C 157 27.13 12.06 -11.63
C THR C 157 26.62 13.42 -11.12
N SER C 158 25.63 13.42 -10.22
CA SER C 158 25.41 14.56 -9.28
C SER C 158 26.43 14.46 -8.16
N GLY C 159 26.47 15.46 -7.30
CA GLY C 159 27.30 15.42 -6.08
C GLY C 159 26.68 14.52 -5.03
N THR C 160 27.20 14.60 -3.80
CA THR C 160 26.58 13.96 -2.60
C THR C 160 25.12 14.44 -2.49
N VAL C 161 24.83 15.67 -2.95
CA VAL C 161 23.56 16.42 -2.73
C VAL C 161 22.75 16.53 -4.03
N VAL C 162 21.63 15.79 -4.08
CA VAL C 162 20.72 15.61 -5.25
C VAL C 162 19.38 16.27 -4.93
N THR C 163 18.83 17.06 -5.85
CA THR C 163 17.48 17.67 -5.77
C THR C 163 16.65 17.06 -6.89
N ILE C 164 15.48 16.50 -6.56
CA ILE C 164 14.57 15.86 -7.55
C ILE C 164 13.33 16.75 -7.64
N THR C 165 12.78 16.88 -8.84
CA THR C 165 11.55 17.64 -9.07
C THR C 165 10.54 16.59 -9.49
N ILE C 166 9.61 16.31 -8.57
CA ILE C 166 8.58 15.26 -8.71
C ILE C 166 7.21 15.88 -9.04
N MET C 167 6.38 15.08 -9.68
CA MET C 167 4.95 15.36 -9.96
C MET C 167 4.15 14.10 -9.62
N PRO C 168 2.96 14.20 -8.97
CA PRO C 168 2.09 13.03 -8.81
C PRO C 168 1.86 12.36 -10.17
N ALA C 169 2.10 11.04 -10.22
CA ALA C 169 2.08 10.21 -11.45
C ALA C 169 0.81 10.45 -12.29
N PHE C 170 -0.35 10.54 -11.65
N PHE C 170 -0.37 10.50 -11.66
CA PHE C 170 -1.68 10.66 -12.32
CA PHE C 170 -1.69 10.66 -12.35
C PHE C 170 -1.80 12.03 -13.00
C PHE C 170 -1.73 12.02 -13.07
N ILE C 171 -1.10 13.05 -12.50
CA ILE C 171 -1.06 14.41 -13.13
C ILE C 171 -0.06 14.40 -14.30
N PHE C 172 1.05 13.70 -14.10
CA PHE C 172 2.09 13.53 -15.13
C PHE C 172 1.51 12.77 -16.34
N GLU C 173 0.76 11.70 -16.10
CA GLU C 173 0.18 10.88 -17.18
C GLU C 173 -0.83 11.73 -17.95
N HIS C 174 -1.58 12.61 -17.27
CA HIS C 174 -2.58 13.48 -17.92
C HIS C 174 -1.87 14.52 -18.80
N ILE C 175 -0.78 15.10 -18.31
CA ILE C 175 -0.04 16.20 -19.00
C ILE C 175 0.59 15.67 -20.30
N ILE C 176 1.13 14.44 -20.32
CA ILE C 176 1.80 13.87 -21.51
C ILE C 176 0.80 13.22 -22.48
N LYS C 177 -0.51 13.31 -22.22
CA LYS C 177 -1.56 13.00 -23.23
C LYS C 177 -1.34 13.90 -24.43
N ARG C 178 -1.75 13.46 -25.63
CA ARG C 178 -1.71 14.23 -26.92
C ARG C 178 -0.26 14.34 -27.42
N MET C 179 0.59 13.42 -26.96
CA MET C 179 2.05 13.44 -27.23
C MET C 179 2.50 11.99 -27.33
N ALA C 180 3.17 11.64 -28.43
CA ALA C 180 3.73 10.30 -28.71
C ALA C 180 5.05 10.16 -27.93
N PRO C 181 5.30 9.01 -27.26
CA PRO C 181 6.61 8.77 -26.64
C PRO C 181 7.81 9.15 -27.54
N SER C 182 7.85 8.64 -28.76
CA SER C 182 8.83 8.96 -29.85
C SER C 182 9.16 10.47 -29.93
N ILE C 183 8.16 11.36 -29.81
CA ILE C 183 8.33 12.83 -30.01
C ILE C 183 8.87 13.49 -28.73
N MET C 184 8.35 13.11 -27.57
CA MET C 184 8.81 13.60 -26.24
C MET C 184 10.30 13.25 -26.10
N LYS C 185 10.65 12.00 -26.41
CA LYS C 185 12.03 11.42 -26.34
C LYS C 185 13.01 12.29 -27.17
N SER C 186 12.68 12.62 -28.43
CA SER C 186 13.62 13.28 -29.39
C SER C 186 13.59 14.80 -29.28
N LEU C 187 12.55 15.40 -28.72
CA LEU C 187 12.36 16.88 -28.81
C LEU C 187 12.51 17.58 -27.47
N MET C 188 12.17 16.90 -26.36
CA MET C 188 12.15 17.51 -24.99
C MET C 188 13.54 18.09 -24.69
N ASP C 189 13.55 19.39 -24.45
CA ASP C 189 14.70 20.12 -23.90
C ASP C 189 15.21 19.30 -22.70
N HIS C 190 16.42 18.79 -22.78
CA HIS C 190 17.14 18.16 -21.65
C HIS C 190 18.39 18.99 -21.38
N THR C 191 18.29 20.27 -21.71
CA THR C 191 19.45 21.20 -21.79
C THR C 191 19.94 21.43 -20.37
N ILE C 192 21.26 21.39 -20.17
CA ILE C 192 21.92 21.91 -18.95
C ILE C 192 22.09 23.41 -19.14
N PRO C 193 21.50 24.22 -18.24
CA PRO C 193 21.34 25.66 -18.50
C PRO C 193 22.67 26.41 -18.38
N GLU C 194 23.10 26.63 -17.13
CA GLU C 194 24.30 27.42 -16.73
C GLU C 194 25.04 26.65 -15.63
N VAL C 195 26.23 26.15 -15.94
CA VAL C 195 27.07 25.34 -15.02
C VAL C 195 27.62 26.26 -13.93
N ILE D 5 28.24 -25.77 -14.64
CA ILE D 5 28.12 -27.03 -15.42
C ILE D 5 29.54 -27.65 -15.49
N LYS D 6 29.73 -28.79 -14.83
CA LYS D 6 31.02 -29.54 -14.77
C LYS D 6 30.98 -30.67 -15.80
N GLN D 7 31.96 -30.77 -16.70
CA GLN D 7 32.08 -31.91 -17.65
C GLN D 7 32.59 -33.15 -16.89
N GLY D 8 32.82 -34.24 -17.62
CA GLY D 8 32.93 -35.57 -17.01
C GLY D 8 31.84 -35.85 -15.97
N ILE D 9 32.08 -36.92 -15.26
CA ILE D 9 31.07 -37.79 -14.62
C ILE D 9 31.35 -37.74 -13.11
N ARG D 10 30.40 -38.09 -12.24
CA ARG D 10 30.68 -38.31 -10.79
C ARG D 10 29.73 -39.35 -10.17
N GLU D 11 30.26 -40.13 -9.22
CA GLU D 11 29.51 -41.03 -8.32
C GLU D 11 28.83 -40.18 -7.24
N VAL D 12 27.55 -40.40 -7.01
CA VAL D 12 26.85 -39.98 -5.77
C VAL D 12 26.40 -41.25 -5.08
N ILE D 13 26.44 -41.25 -3.74
CA ILE D 13 25.95 -42.34 -2.86
C ILE D 13 24.94 -41.72 -1.91
N LEU D 14 23.74 -42.27 -1.82
CA LEU D 14 22.68 -41.78 -0.89
C LEU D 14 21.94 -42.97 -0.30
N CYS D 15 21.09 -42.71 0.69
CA CYS D 15 20.30 -43.73 1.41
C CYS D 15 18.84 -43.31 1.32
N LYS D 16 17.93 -44.26 1.17
CA LYS D 16 16.48 -43.95 1.22
C LYS D 16 16.14 -43.37 2.61
N ASP D 17 15.26 -42.38 2.66
CA ASP D 17 14.79 -41.83 3.95
C ASP D 17 13.87 -42.84 4.63
N GLN D 18 13.10 -42.40 5.62
CA GLN D 18 12.36 -43.33 6.52
C GLN D 18 11.19 -43.97 5.76
N ASP D 19 10.60 -43.20 4.83
CA ASP D 19 9.48 -43.63 3.94
C ASP D 19 10.00 -44.51 2.79
N GLY D 20 11.32 -44.63 2.66
CA GLY D 20 11.97 -45.42 1.62
C GLY D 20 12.04 -44.63 0.34
N LYS D 21 12.16 -43.32 0.45
CA LYS D 21 12.24 -42.39 -0.71
C LYS D 21 13.67 -41.84 -0.86
N ILE D 22 14.06 -41.46 -2.07
CA ILE D 22 15.35 -40.73 -2.29
C ILE D 22 15.08 -39.31 -2.76
N GLY D 23 13.93 -39.06 -3.35
CA GLY D 23 13.46 -37.71 -3.68
C GLY D 23 13.65 -37.40 -5.16
N LEU D 24 13.34 -38.34 -6.07
CA LEU D 24 13.62 -38.23 -7.52
C LEU D 24 12.39 -38.54 -8.38
N ARG D 25 12.29 -37.84 -9.50
CA ARG D 25 11.61 -38.33 -10.73
C ARG D 25 12.62 -38.33 -11.88
N LEU D 26 12.65 -39.46 -12.61
CA LEU D 26 13.49 -39.73 -13.79
C LEU D 26 12.63 -39.67 -15.04
N LYS D 27 13.21 -39.26 -16.18
CA LYS D 27 12.52 -39.25 -17.49
C LYS D 27 13.47 -39.79 -18.55
N SER D 28 12.96 -40.68 -19.42
CA SER D 28 13.68 -41.21 -20.59
C SER D 28 13.79 -40.10 -21.67
N ILE D 29 15.02 -39.75 -22.08
CA ILE D 29 15.26 -38.84 -23.25
C ILE D 29 16.40 -39.42 -24.14
N ASP D 30 16.14 -39.63 -25.42
CA ASP D 30 17.13 -40.07 -26.43
C ASP D 30 17.96 -41.23 -25.91
N ASN D 31 17.30 -42.16 -25.21
CA ASN D 31 17.84 -43.46 -24.73
C ASN D 31 18.77 -43.28 -23.56
N GLY D 32 18.67 -42.12 -22.93
CA GLY D 32 19.23 -41.83 -21.60
C GLY D 32 18.14 -41.56 -20.58
N ILE D 33 18.54 -41.48 -19.31
CA ILE D 33 17.69 -41.18 -18.14
C ILE D 33 18.19 -39.87 -17.56
N PHE D 34 17.28 -38.91 -17.48
CA PHE D 34 17.51 -37.57 -16.92
C PHE D 34 16.62 -37.37 -15.70
N VAL D 35 17.07 -36.55 -14.77
CA VAL D 35 16.27 -36.09 -13.59
C VAL D 35 15.30 -34.98 -14.02
N GLN D 36 14.02 -35.23 -13.76
CA GLN D 36 12.84 -34.37 -14.03
C GLN D 36 12.44 -33.63 -12.74
N LEU D 37 12.78 -34.22 -11.60
CA LEU D 37 12.52 -33.57 -10.31
C LEU D 37 13.50 -34.02 -9.22
N VAL D 38 13.84 -33.03 -8.41
CA VAL D 38 14.53 -33.23 -7.11
C VAL D 38 13.69 -32.54 -6.07
N GLN D 39 13.26 -33.32 -5.07
CA GLN D 39 12.45 -32.88 -3.90
C GLN D 39 13.30 -32.05 -2.92
N ALA D 40 12.84 -30.82 -2.62
CA ALA D 40 13.27 -30.03 -1.42
C ALA D 40 13.49 -30.99 -0.25
N ASN D 41 14.72 -31.05 0.28
CA ASN D 41 15.10 -31.75 1.54
C ASN D 41 15.32 -33.25 1.36
N SER D 42 15.17 -33.78 0.16
CA SER D 42 15.35 -35.23 -0.12
C SER D 42 16.82 -35.63 0.06
N PRO D 43 17.08 -36.92 0.33
CA PRO D 43 18.42 -37.47 0.14
C PRO D 43 19.06 -37.09 -1.21
N ALA D 44 18.26 -37.01 -2.27
CA ALA D 44 18.78 -36.64 -3.59
C ALA D 44 19.26 -35.19 -3.53
N SER D 45 18.53 -34.28 -2.86
CA SER D 45 18.89 -32.83 -2.83
C SER D 45 20.19 -32.61 -2.04
N LEU D 46 20.40 -33.45 -1.01
CA LEU D 46 21.45 -33.26 0.01
C LEU D 46 22.76 -33.82 -0.57
N VAL D 47 22.68 -34.81 -1.45
CA VAL D 47 23.89 -35.29 -2.17
C VAL D 47 24.11 -34.42 -3.41
N GLY D 48 23.23 -33.46 -3.70
CA GLY D 48 23.43 -32.49 -4.80
C GLY D 48 23.06 -33.01 -6.19
N LEU D 49 22.05 -33.89 -6.30
CA LEU D 49 21.39 -34.16 -7.61
C LEU D 49 20.57 -32.92 -8.00
N ARG D 50 20.44 -32.70 -9.30
CA ARG D 50 19.80 -31.50 -9.89
C ARG D 50 18.90 -31.86 -11.08
N PHE D 51 17.85 -31.07 -11.23
CA PHE D 51 17.02 -31.06 -12.44
C PHE D 51 17.96 -31.06 -13.66
N GLY D 52 17.73 -31.93 -14.64
CA GLY D 52 18.53 -31.98 -15.88
C GLY D 52 19.74 -32.92 -15.82
N ASP D 53 20.10 -33.38 -14.64
CA ASP D 53 21.22 -34.32 -14.52
C ASP D 53 20.89 -35.58 -15.31
N GLN D 54 21.86 -36.21 -15.90
CA GLN D 54 21.76 -37.52 -16.59
C GLN D 54 22.21 -38.61 -15.62
N VAL D 55 21.55 -39.76 -15.63
CA VAL D 55 21.87 -40.89 -14.75
C VAL D 55 22.40 -42.01 -15.65
N LEU D 56 23.70 -42.20 -15.59
CA LEU D 56 24.43 -43.18 -16.45
C LEU D 56 24.19 -44.60 -15.92
N GLN D 57 24.44 -44.78 -14.63
CA GLN D 57 24.27 -46.05 -13.91
C GLN D 57 23.52 -45.80 -12.61
N ILE D 58 22.90 -46.88 -12.14
CA ILE D 58 22.28 -47.07 -10.81
C ILE D 58 22.86 -48.39 -10.30
N ASN D 59 23.54 -48.32 -9.15
CA ASN D 59 24.16 -49.49 -8.50
C ASN D 59 24.91 -50.27 -9.56
N GLY D 60 25.68 -49.56 -10.40
CA GLY D 60 26.62 -50.13 -11.36
C GLY D 60 25.99 -50.62 -12.64
N GLU D 61 24.67 -50.52 -12.82
CA GLU D 61 23.96 -50.95 -14.05
C GLU D 61 23.68 -49.75 -14.98
N ASN D 62 23.86 -49.95 -16.27
CA ASN D 62 23.63 -48.92 -17.32
C ASN D 62 22.12 -48.64 -17.45
N CYS D 63 21.76 -47.36 -17.42
CA CYS D 63 20.40 -46.89 -17.65
C CYS D 63 20.09 -46.82 -19.13
N ALA D 64 21.06 -47.02 -20.01
CA ALA D 64 20.90 -46.82 -21.48
C ALA D 64 19.70 -47.64 -21.98
N GLY D 65 18.72 -46.93 -22.57
CA GLY D 65 17.50 -47.49 -23.17
C GLY D 65 16.38 -47.70 -22.16
N TRP D 66 16.60 -47.46 -20.87
CA TRP D 66 15.55 -47.65 -19.86
C TRP D 66 14.43 -46.67 -20.17
N SER D 67 13.18 -47.16 -20.17
CA SER D 67 11.95 -46.32 -20.01
C SER D 67 12.03 -45.61 -18.65
N SER D 68 11.36 -44.48 -18.52
CA SER D 68 11.05 -43.86 -17.21
C SER D 68 10.62 -44.94 -16.24
N ASP D 69 9.64 -45.80 -16.61
CA ASP D 69 9.00 -46.75 -15.65
C ASP D 69 10.08 -47.67 -15.08
N LYS D 70 10.93 -48.19 -15.95
CA LYS D 70 11.98 -49.08 -15.46
C LYS D 70 12.90 -48.30 -14.52
N ALA D 71 13.30 -47.09 -14.87
CA ALA D 71 14.29 -46.39 -14.02
C ALA D 71 13.67 -46.28 -12.61
N HIS D 72 12.45 -45.76 -12.54
CA HIS D 72 11.59 -45.73 -11.32
C HIS D 72 11.46 -47.12 -10.70
N LYS D 73 11.20 -48.15 -11.48
CA LYS D 73 11.08 -49.52 -10.89
C LYS D 73 12.36 -49.83 -10.12
N VAL D 74 13.51 -49.70 -10.79
CA VAL D 74 14.84 -50.17 -10.31
C VAL D 74 15.18 -49.45 -9.01
N LEU D 75 14.82 -48.18 -8.93
CA LEU D 75 15.26 -47.35 -7.80
C LEU D 75 14.43 -47.77 -6.59
N LYS D 76 13.12 -47.92 -6.79
CA LYS D 76 12.16 -48.28 -5.70
C LYS D 76 12.52 -49.66 -5.14
N GLN D 77 12.97 -50.59 -5.98
CA GLN D 77 13.28 -51.99 -5.57
C GLN D 77 14.72 -52.13 -5.07
N ALA D 78 15.50 -51.04 -5.10
CA ALA D 78 16.89 -50.99 -4.58
C ALA D 78 16.93 -51.13 -3.06
N PHE D 79 17.76 -52.02 -2.51
CA PHE D 79 18.15 -51.98 -1.08
C PHE D 79 18.54 -50.53 -0.81
N GLY D 80 18.10 -49.99 0.33
CA GLY D 80 18.06 -48.55 0.61
C GLY D 80 19.25 -48.04 1.40
N GLU D 81 20.05 -48.94 1.99
CA GLU D 81 21.18 -48.59 2.91
C GLU D 81 22.31 -47.90 2.12
N LYS D 82 22.60 -48.41 0.92
CA LYS D 82 23.60 -47.84 -0.02
C LYS D 82 23.04 -47.92 -1.45
N ILE D 83 22.78 -46.78 -2.09
CA ILE D 83 22.53 -46.69 -3.55
C ILE D 83 23.61 -45.78 -4.16
N THR D 84 24.30 -46.28 -5.18
CA THR D 84 25.28 -45.50 -5.98
C THR D 84 24.60 -45.13 -7.31
N MET D 85 24.88 -43.93 -7.82
CA MET D 85 24.44 -43.49 -9.16
C MET D 85 25.69 -42.85 -9.76
N THR D 86 25.99 -43.14 -11.01
CA THR D 86 26.95 -42.33 -11.79
C THR D 86 26.16 -41.26 -12.56
N ILE D 87 26.55 -39.97 -12.41
CA ILE D 87 25.86 -38.75 -12.92
C ILE D 87 26.72 -38.04 -13.98
N ARG D 88 26.14 -37.60 -15.10
CA ARG D 88 26.75 -36.55 -15.95
C ARG D 88 26.01 -35.24 -15.63
N ASP D 89 26.71 -34.12 -15.53
CA ASP D 89 26.12 -32.84 -15.04
C ASP D 89 25.31 -32.12 -16.13
N ARG D 90 24.00 -31.96 -15.89
CA ARG D 90 23.09 -31.06 -16.68
C ARG D 90 23.51 -30.96 -18.15
N PRO D 91 23.57 -32.09 -18.89
CA PRO D 91 24.16 -32.12 -20.22
C PRO D 91 23.39 -31.32 -21.25
N PHE D 92 22.14 -31.01 -20.98
CA PHE D 92 21.31 -30.30 -21.97
C PHE D 92 21.33 -28.81 -21.69
N GLU D 93 22.09 -28.39 -20.67
CA GLU D 93 22.04 -26.99 -20.15
C GLU D 93 23.42 -26.32 -20.27
N ARG D 94 23.43 -25.01 -20.41
CA ARG D 94 24.63 -24.13 -20.32
C ARG D 94 24.32 -22.94 -19.41
N THR D 95 25.35 -22.25 -18.90
CA THR D 95 25.12 -21.09 -18.00
C THR D 95 25.66 -19.86 -18.73
N ILE D 96 25.01 -18.72 -18.51
CA ILE D 96 25.44 -17.41 -19.06
C ILE D 96 25.53 -16.38 -17.92
N THR D 97 26.68 -15.70 -17.85
CA THR D 97 27.07 -14.73 -16.82
C THR D 97 26.92 -13.35 -17.44
N MET D 98 26.02 -12.54 -16.92
CA MET D 98 25.76 -11.16 -17.32
C MET D 98 25.97 -10.26 -16.10
N HIS D 99 25.88 -8.96 -16.34
CA HIS D 99 26.19 -7.89 -15.37
C HIS D 99 25.01 -6.94 -15.46
N LYS D 100 24.37 -6.67 -14.34
CA LYS D 100 23.22 -5.74 -14.26
C LYS D 100 23.71 -4.35 -14.72
N ASP D 101 22.89 -3.65 -15.51
CA ASP D 101 23.13 -2.23 -15.87
C ASP D 101 22.80 -1.38 -14.63
N SER D 102 22.65 -0.06 -14.82
CA SER D 102 22.57 0.94 -13.71
C SER D 102 21.18 0.87 -13.07
N THR D 103 20.23 0.29 -13.78
CA THR D 103 18.82 0.09 -13.33
C THR D 103 18.60 -1.33 -12.75
N GLY D 104 19.58 -2.23 -12.82
CA GLY D 104 19.51 -3.57 -12.18
C GLY D 104 18.93 -4.64 -13.08
N HIS D 105 19.01 -4.41 -14.41
CA HIS D 105 18.53 -5.28 -15.53
C HIS D 105 19.71 -5.84 -16.33
N VAL D 106 19.55 -7.03 -16.90
CA VAL D 106 20.63 -7.69 -17.70
C VAL D 106 20.27 -7.75 -19.19
N GLY D 107 19.01 -7.48 -19.53
CA GLY D 107 18.59 -7.25 -20.93
C GLY D 107 17.83 -8.40 -21.55
N PHE D 108 16.69 -8.85 -20.98
CA PHE D 108 15.84 -9.86 -21.66
C PHE D 108 14.41 -9.87 -21.15
N ILE D 109 13.52 -10.44 -21.96
CA ILE D 109 12.08 -10.68 -21.70
C ILE D 109 11.85 -12.19 -21.67
N PHE D 110 11.09 -12.68 -20.67
CA PHE D 110 10.65 -14.08 -20.64
C PHE D 110 9.15 -14.13 -20.37
N LYS D 111 8.49 -15.20 -20.81
CA LYS D 111 7.15 -15.60 -20.35
C LYS D 111 7.14 -17.10 -20.12
N ASN D 112 6.51 -17.55 -19.04
CA ASN D 112 6.48 -18.98 -18.66
C ASN D 112 7.92 -19.45 -18.49
N GLY D 113 8.74 -18.62 -17.91
CA GLY D 113 10.18 -18.86 -17.72
C GLY D 113 10.95 -19.12 -19.01
N LYS D 114 10.39 -18.82 -20.18
CA LYS D 114 11.06 -19.07 -21.49
C LYS D 114 11.49 -17.73 -22.10
N ILE D 115 12.77 -17.60 -22.47
CA ILE D 115 13.31 -16.29 -22.96
C ILE D 115 12.67 -15.99 -24.32
N THR D 116 12.19 -14.77 -24.55
CA THR D 116 11.42 -14.42 -25.77
C THR D 116 12.03 -13.25 -26.52
N SER D 117 12.70 -12.30 -25.89
CA SER D 117 13.45 -11.28 -26.66
C SER D 117 14.68 -10.86 -25.87
N ILE D 118 15.75 -10.50 -26.61
CA ILE D 118 17.04 -9.98 -26.07
C ILE D 118 17.06 -8.48 -26.28
N VAL D 119 17.50 -7.71 -25.30
CA VAL D 119 17.52 -6.22 -25.40
C VAL D 119 18.82 -5.82 -26.10
N LYS D 120 18.75 -4.78 -26.93
CA LYS D 120 19.88 -4.25 -27.74
C LYS D 120 20.92 -3.59 -26.81
N ASP D 121 22.20 -3.88 -27.04
CA ASP D 121 23.35 -3.32 -26.27
C ASP D 121 23.18 -3.65 -24.78
N SER D 122 22.49 -4.75 -24.47
CA SER D 122 22.40 -5.30 -23.09
C SER D 122 23.51 -6.32 -22.89
N SER D 123 23.88 -6.49 -21.63
CA SER D 123 24.70 -7.60 -21.13
C SER D 123 24.23 -8.97 -21.67
N ALA D 124 22.92 -9.22 -21.80
CA ALA D 124 22.38 -10.46 -22.39
C ALA D 124 22.82 -10.56 -23.85
N ALA D 125 22.73 -9.44 -24.58
CA ALA D 125 23.15 -9.36 -25.99
C ALA D 125 24.63 -9.74 -26.07
N ARG D 126 25.48 -9.02 -25.34
CA ARG D 126 26.95 -9.16 -25.38
C ARG D 126 27.37 -10.58 -25.01
N ASN D 127 26.61 -11.24 -24.14
CA ASN D 127 26.99 -12.58 -23.61
C ASN D 127 26.29 -13.65 -24.43
N GLY D 128 25.47 -13.21 -25.42
CA GLY D 128 24.86 -14.05 -26.48
C GLY D 128 23.81 -14.99 -25.94
N LEU D 129 23.00 -14.51 -25.02
CA LEU D 129 21.84 -15.24 -24.51
C LEU D 129 20.89 -15.48 -25.67
N LEU D 130 20.25 -16.63 -25.69
CA LEU D 130 19.34 -17.02 -26.79
C LEU D 130 17.89 -16.94 -26.35
N THR D 131 16.99 -16.80 -27.35
CA THR D 131 15.53 -16.93 -27.17
C THR D 131 15.16 -18.40 -27.32
N GLU D 132 13.92 -18.75 -26.97
CA GLU D 132 13.43 -20.13 -27.15
C GLU D 132 14.29 -21.02 -26.25
N HIS D 133 14.76 -20.45 -25.11
CA HIS D 133 15.46 -21.19 -24.03
C HIS D 133 14.70 -21.01 -22.70
N ASN D 134 14.48 -22.10 -21.99
CA ASN D 134 13.84 -22.11 -20.66
C ASN D 134 14.93 -21.91 -19.60
N ILE D 135 14.67 -20.96 -18.70
CA ILE D 135 15.47 -20.66 -17.49
C ILE D 135 15.24 -21.81 -16.53
N CYS D 136 16.29 -22.55 -16.22
CA CYS D 136 16.32 -23.70 -15.31
C CYS D 136 16.79 -23.28 -13.90
N GLU D 137 17.84 -22.46 -13.83
CA GLU D 137 18.52 -22.05 -12.58
C GLU D 137 18.90 -20.58 -12.68
N ILE D 138 18.91 -19.88 -11.55
CA ILE D 138 19.51 -18.53 -11.40
C ILE D 138 20.48 -18.56 -10.23
N ASN D 139 21.76 -18.37 -10.54
CA ASN D 139 22.89 -18.45 -9.57
C ASN D 139 22.87 -19.84 -8.93
N GLY D 140 22.67 -20.87 -9.75
CA GLY D 140 22.64 -22.28 -9.28
C GLY D 140 21.34 -22.69 -8.56
N GLN D 141 20.38 -21.76 -8.41
CA GLN D 141 19.05 -22.04 -7.81
C GLN D 141 18.05 -22.45 -8.90
N ASN D 142 17.56 -23.70 -8.81
CA ASN D 142 16.41 -24.25 -9.59
C ASN D 142 15.22 -23.31 -9.42
N VAL D 143 14.59 -22.90 -10.53
CA VAL D 143 13.40 -21.98 -10.56
C VAL D 143 12.27 -22.63 -11.37
N ILE D 144 12.40 -23.96 -11.59
CA ILE D 144 11.46 -24.73 -12.46
C ILE D 144 10.14 -24.96 -11.71
N GLY D 145 9.06 -24.39 -12.25
CA GLY D 145 7.72 -24.38 -11.63
C GLY D 145 7.40 -23.05 -10.96
N LEU D 146 8.38 -22.15 -10.84
CA LEU D 146 8.13 -20.86 -10.15
C LEU D 146 7.38 -19.97 -11.13
N LYS D 147 6.60 -19.03 -10.60
CA LYS D 147 5.84 -18.05 -11.40
C LYS D 147 6.87 -17.05 -11.95
N ASP D 148 6.55 -16.42 -13.07
CA ASP D 148 7.43 -15.39 -13.69
C ASP D 148 7.77 -14.36 -12.60
N SER D 149 6.81 -14.00 -11.74
CA SER D 149 7.02 -12.92 -10.75
C SER D 149 8.06 -13.38 -9.72
N GLN D 150 8.05 -14.65 -9.33
CA GLN D 150 9.12 -15.24 -8.47
C GLN D 150 10.47 -15.16 -9.23
N ILE D 151 10.53 -15.58 -10.50
CA ILE D 151 11.78 -15.56 -11.33
C ILE D 151 12.26 -14.10 -11.39
N ALA D 152 11.39 -13.15 -11.76
CA ALA D 152 11.68 -11.70 -11.74
C ALA D 152 12.30 -11.25 -10.40
N ASP D 153 11.66 -11.61 -9.27
CA ASP D 153 12.12 -11.25 -7.90
C ASP D 153 13.53 -11.80 -7.69
N ILE D 154 13.73 -13.10 -7.92
CA ILE D 154 15.04 -13.77 -7.71
C ILE D 154 16.15 -13.05 -8.50
N LEU D 155 15.84 -12.54 -9.69
CA LEU D 155 16.83 -11.82 -10.53
C LEU D 155 17.25 -10.52 -9.81
N SER D 156 16.30 -9.77 -9.25
CA SER D 156 16.53 -8.49 -8.51
C SER D 156 17.48 -8.75 -7.33
N THR D 157 17.23 -9.79 -6.55
CA THR D 157 17.95 -10.03 -5.29
C THR D 157 19.31 -10.67 -5.60
N SER D 158 19.65 -10.75 -6.88
CA SER D 158 20.98 -11.25 -7.28
C SER D 158 21.99 -10.12 -7.06
N GLY D 159 23.21 -10.46 -6.63
CA GLY D 159 24.38 -9.57 -6.82
C GLY D 159 24.53 -9.12 -8.28
N THR D 160 25.38 -8.12 -8.54
CA THR D 160 25.47 -7.46 -9.87
C THR D 160 25.69 -8.54 -10.95
N VAL D 161 26.51 -9.55 -10.62
CA VAL D 161 26.87 -10.69 -11.50
C VAL D 161 25.74 -11.71 -11.40
N VAL D 162 25.03 -11.91 -12.53
CA VAL D 162 23.82 -12.77 -12.66
C VAL D 162 24.16 -13.93 -13.60
N THR D 163 24.11 -15.15 -13.09
CA THR D 163 24.34 -16.35 -13.90
C THR D 163 23.00 -17.05 -14.07
N ILE D 164 22.50 -17.15 -15.32
CA ILE D 164 21.30 -17.99 -15.57
C ILE D 164 21.74 -19.24 -16.31
N THR D 165 21.18 -20.38 -15.91
CA THR D 165 21.33 -21.68 -16.60
C THR D 165 20.10 -21.91 -17.49
N ILE D 166 20.34 -22.21 -18.75
CA ILE D 166 19.28 -22.33 -19.77
C ILE D 166 19.37 -23.70 -20.42
N MET D 167 18.23 -24.02 -21.05
CA MET D 167 17.90 -25.25 -21.77
C MET D 167 17.07 -24.81 -22.95
N PRO D 168 17.37 -25.35 -24.16
CA PRO D 168 16.51 -25.12 -25.31
C PRO D 168 15.08 -25.61 -25.02
N ALA D 169 14.08 -24.81 -25.43
CA ALA D 169 12.66 -24.94 -25.06
C ALA D 169 12.11 -26.32 -25.41
N PHE D 170 12.47 -26.86 -26.57
N PHE D 170 12.54 -26.89 -26.54
CA PHE D 170 11.97 -28.16 -27.07
CA PHE D 170 12.02 -28.15 -27.12
C PHE D 170 12.43 -29.25 -26.10
C PHE D 170 12.51 -29.35 -26.29
N ILE D 171 13.70 -29.23 -25.68
CA ILE D 171 14.24 -30.26 -24.74
C ILE D 171 13.54 -30.11 -23.38
N PHE D 172 13.33 -28.88 -22.92
CA PHE D 172 12.66 -28.61 -21.62
C PHE D 172 11.26 -29.27 -21.62
N GLU D 173 10.49 -29.03 -22.67
CA GLU D 173 9.11 -29.53 -22.86
C GLU D 173 9.15 -31.04 -22.78
N HIS D 174 10.18 -31.67 -23.32
CA HIS D 174 10.28 -33.15 -23.35
C HIS D 174 10.58 -33.66 -21.94
N ILE D 175 11.31 -32.88 -21.15
CA ILE D 175 11.85 -33.33 -19.83
C ILE D 175 10.69 -33.27 -18.83
N ILE D 176 9.84 -32.24 -18.90
CA ILE D 176 8.75 -32.07 -17.91
C ILE D 176 7.48 -32.85 -18.31
N LYS D 177 7.44 -33.51 -19.47
CA LYS D 177 6.27 -34.33 -19.87
C LYS D 177 6.07 -35.41 -18.81
N ARG D 178 4.82 -35.87 -18.62
CA ARG D 178 4.51 -37.03 -17.74
C ARG D 178 4.82 -36.65 -16.29
N MET D 179 4.65 -35.37 -15.92
CA MET D 179 4.87 -34.86 -14.54
C MET D 179 3.79 -33.82 -14.21
N ALA D 180 2.88 -34.17 -13.30
CA ALA D 180 1.76 -33.30 -12.94
C ALA D 180 2.31 -31.95 -12.50
N PRO D 181 1.86 -30.83 -13.11
CA PRO D 181 2.19 -29.49 -12.65
C PRO D 181 2.18 -29.33 -11.13
N SER D 182 1.16 -29.85 -10.44
CA SER D 182 0.95 -29.74 -8.98
C SER D 182 2.12 -30.43 -8.27
N ILE D 183 2.73 -31.40 -8.91
CA ILE D 183 3.93 -32.05 -8.30
C ILE D 183 5.15 -31.13 -8.53
N MET D 184 5.28 -30.61 -9.75
CA MET D 184 6.42 -29.75 -10.13
C MET D 184 6.44 -28.56 -9.17
N LYS D 185 5.28 -27.97 -8.91
CA LYS D 185 5.13 -26.71 -8.15
C LYS D 185 5.16 -26.91 -6.63
N SER D 186 5.04 -28.16 -6.15
CA SER D 186 4.93 -28.45 -4.70
C SER D 186 6.15 -29.21 -4.17
N LEU D 187 6.83 -29.99 -5.02
CA LEU D 187 7.99 -30.82 -4.55
C LEU D 187 9.39 -30.34 -5.02
N MET D 188 9.49 -29.47 -6.03
CA MET D 188 10.78 -29.11 -6.67
C MET D 188 11.66 -28.33 -5.68
N ASP D 189 12.88 -28.83 -5.45
CA ASP D 189 13.97 -28.12 -4.75
C ASP D 189 14.19 -26.74 -5.39
N HIS D 190 14.20 -25.69 -4.58
CA HIS D 190 14.59 -24.30 -4.97
C HIS D 190 15.54 -23.75 -3.90
N THR D 191 16.19 -24.67 -3.14
CA THR D 191 17.01 -24.27 -1.97
C THR D 191 18.28 -23.59 -2.48
N ILE D 192 18.96 -22.89 -1.57
CA ILE D 192 20.32 -22.31 -1.80
C ILE D 192 21.15 -22.73 -0.61
N PRO D 193 22.50 -22.76 -0.73
CA PRO D 193 23.36 -23.17 0.38
C PRO D 193 23.21 -22.28 1.63
N GLU D 194 23.05 -20.96 1.43
CA GLU D 194 22.95 -19.95 2.52
C GLU D 194 22.43 -18.63 1.92
N VAL D 195 22.04 -17.67 2.77
CA VAL D 195 21.58 -16.33 2.32
C VAL D 195 22.67 -15.34 2.67
#